data_9BSB
#
_entry.id   9BSB
#
_cell.length_a   1.00
_cell.length_b   1.00
_cell.length_c   1.00
_cell.angle_alpha   90.00
_cell.angle_beta   90.00
_cell.angle_gamma   90.00
#
_symmetry.space_group_name_H-M   'P 1'
#
loop_
_entity.id
_entity.type
_entity.pdbx_description
1 polymer 'Guanine nucleotide-binding protein G(I)/G(S)/G(T) subunit beta-1'
2 polymer 'Guanine nucleotide-binding protein G(I)/G(S)/G(O) subunit gamma-2'
3 polymer 'Soluble cytochrome b562,D(2) dopamine receptor'
4 polymer 'Single chain Fab 16 (scFv16)'
5 polymer 'Guanine nucleotide-binding protein G(o) subunit alpha'
6 non-polymer (8alpha)-N,N-diethyl-6-methyl-9,10-didehydroergoline-8-carboxamide
#
loop_
_entity_poly.entity_id
_entity_poly.type
_entity_poly.pdbx_seq_one_letter_code
_entity_poly.pdbx_strand_id
1 'polypeptide(L)'
;MGSLLQSELDQLRQEAEQLKNQIRDARKACADATLSQITNNIDPVGRIQMRTRRTLRGHLAKIYAMHWGTDSRLLVSASQ
DGKLIIWDSYTTNKVHAIPLRSSWVMTCAYAPSGNYVACGGLDNICSIYNLKTREGNVRVSRELAGHTGYLSCCRFLDDN
QIVTSSGDTTCALWDIETGQQTTTFTGHTGDVMSLSLAPDTRLFVSGACDASAKLWDVREGMCRQTFTGHESDINAICFF
PNGNAFATGSDDATCRLFDLRADQELMTYSHDNIICGITSVSFSKSGRLLLAGYDDFNCNVWDALKADRAGVLAGHDNRV
SCLGVTDDGMAVATGSWDSFLKIWNGSS
;
B
2 'polypeptide(L)' MASNNTASIAQARKLVEQLKMEANIDRIKVSKAAADLMAYCEAHAKEDPLLTPVPASENPFREKKFFCAIL C
3 'polypeptide(L)'
;DYKDDDDAKLQTMHHHHHHHHHHHHHHHADLEDNWETLNDNLKVIEKADNAAQVKDALTKMRAAALDAQKATPPKLEDKS
PDSPEMKDFRHGFDILVGQIDDALKLANEGKVKEAQAAAEQLKTTRNAYIQKYLASENLYFQGGTMDPLNLSWYDDDLER
QNWSRPFNGSDGKADRPHYNYYATLLTLLIAVIVFGNVLVCMAVSREKALQTTTNYLIVSLAVADLLVATLVMPWVVYLE
VVGEWKFSRIHCDIFVTLDVMMCTASILNLCAISIDRYTAVAMPMLYNTRYSSKRRVTVMISIVWVLSFTISCPLLFGLN
NADQNECIIANPAFVVYSSIVSFYVPFIVTLLVYIKIYIVLRRRRKRVNTKRSSRAFRAHLRAPLKGNCTHPEDMKLCTV
IMKSNGSFPVNRRRVEAARRAQELEMEMLSSTSPPERTRYSPIPPSHHQLTLPDPSHHGLHSTPDSPAKPEKNGHAKDHP
KIAKIFEIQTMPNGKTRTSLKTMSRRKLSQQKEKKATQMLAIVLGVFIICWLPFFITHILNIHCDCNIPPVLYSAFTWLG
YVNSAVNPIIYTTFNIEFRKAFLKILHC
;
R
4 'polypeptide(L)'
;DVQLVESGGGLVQPGGSRKLSCSASGFAFSSFGMHWVRQAPEKGLEWVAYISSGSGTIYYADTVKGRFTISRDDPKNTLF
LQMTSLRSEDTAMYYCVRSIYYYGSSPFDFWGQGTTLTVSSGGGGSGGGGSGGGGSDIVMTQATSSVPVTPGESVSISCR
SSKSLLHSNGNTYLYWFLQRPGQSPQLLIYRMSNLASGVPDRFSGSGSGTAFTLTISRLEAEDVGVYYCMQHLEYPLTFG
AGTKLELKGSLEVLFQGPAAAHHHHHHH
;
E
5 'polypeptide(L)'
;MGCTLSAEDKAAVERSKMIEKNLKEDGISAAKDVKLLLLGADNSGKSTIVKQMKIIHEDGFSGEDVKQYKPVVYSNTIQS
LAAIVRAMDTLGIEYGDKERKADAKMVCDVVSRMEDTEPFSAELLSAMMRLWGDSGIQECFNRSREYQLNDSAKYYLDSL
DRIGAADYQPTEQDILRTRVKTTGIVETHFTFKNLHFRLFDVGGQRSERKKWIHCFEDVTAIIFCVDLSDYDQVLHEDET
TNRMHESLMLFDSICNNKFFIDTSIILFLNKKDLFGEKIKKSPLTICFPEYTGPNTYEDAAAYIQAQFESKNRSPNKEIY
CHMTCATDTNNAQVIFDAVTDIIIANNLRGCGLY
;
A
#
loop_
_chem_comp.id
_chem_comp.type
_chem_comp.name
_chem_comp.formula
7LD non-polymer (8alpha)-N,N-diethyl-6-methyl-9,10-didehydroergoline-8-carboxamide 'C20 H25 N3 O'
#
# COMPACT_ATOMS: atom_id res chain seq x y z
N GLU A 15 12.86 -46.28 -23.06
CA GLU A 15 13.75 -46.28 -21.90
C GLU A 15 13.30 -45.25 -20.87
N ALA A 16 12.74 -44.13 -21.34
CA ALA A 16 12.20 -43.13 -20.42
C ALA A 16 11.03 -43.68 -19.64
N GLU A 17 10.16 -44.46 -20.27
CA GLU A 17 9.02 -45.05 -19.58
C GLU A 17 9.48 -46.05 -18.53
N GLN A 18 10.49 -46.86 -18.86
CA GLN A 18 11.00 -47.84 -17.90
C GLN A 18 11.63 -47.15 -16.70
N LEU A 19 12.41 -46.10 -16.93
CA LEU A 19 13.03 -45.37 -15.82
C LEU A 19 11.98 -44.70 -14.95
N LYS A 20 10.96 -44.10 -15.57
CA LYS A 20 9.88 -43.49 -14.81
C LYS A 20 9.12 -44.53 -13.99
N ASN A 21 8.87 -45.71 -14.58
CA ASN A 21 8.22 -46.78 -13.84
C ASN A 21 9.11 -47.28 -12.70
N GLN A 22 10.42 -47.33 -12.94
CA GLN A 22 11.35 -47.76 -11.90
C GLN A 22 11.33 -46.80 -10.71
N ILE A 23 11.27 -45.49 -10.99
CA ILE A 23 11.20 -44.51 -9.90
C ILE A 23 9.90 -44.67 -9.12
N ARG A 24 8.80 -44.91 -9.83
CA ARG A 24 7.51 -45.11 -9.17
C ARG A 24 7.54 -46.36 -8.28
N ASP A 25 8.12 -47.44 -8.78
CA ASP A 25 8.25 -48.64 -7.97
C ASP A 25 9.20 -48.41 -6.80
N ALA A 26 10.30 -47.69 -7.03
CA ALA A 26 11.23 -47.39 -5.94
C ALA A 26 10.59 -46.51 -4.88
N ARG A 27 9.76 -45.54 -5.28
CA ARG A 27 9.08 -44.70 -4.31
C ARG A 27 8.05 -45.50 -3.52
N LYS A 28 7.34 -46.42 -4.19
CA LYS A 28 6.33 -47.21 -3.51
C LYS A 28 6.92 -48.14 -2.47
N ALA A 29 8.15 -48.64 -2.71
CA ALA A 29 8.77 -49.54 -1.75
C ALA A 29 9.08 -48.84 -0.43
N CYS A 30 9.32 -47.52 -0.46
CA CYS A 30 9.65 -46.75 0.73
C CYS A 30 8.42 -46.12 1.37
N ALA A 31 7.23 -46.70 1.17
CA ALA A 31 5.98 -46.17 1.68
C ALA A 31 5.32 -47.14 2.64
N ASP A 32 6.12 -47.66 3.59
CA ASP A 32 5.61 -48.65 4.53
C ASP A 32 4.48 -48.09 5.38
N ALA A 33 4.48 -46.79 5.64
CA ALA A 33 3.43 -46.15 6.43
C ALA A 33 3.29 -44.71 5.98
N THR A 34 2.15 -44.12 6.33
CA THR A 34 1.85 -42.73 6.03
C THR A 34 2.13 -41.86 7.25
N LEU A 35 2.41 -40.57 6.99
CA LEU A 35 2.66 -39.64 8.08
C LEU A 35 1.45 -39.44 8.97
N SER A 36 0.24 -39.66 8.44
CA SER A 36 -0.97 -39.60 9.27
C SER A 36 -0.96 -40.65 10.37
N GLN A 37 -0.53 -41.87 10.07
CA GLN A 37 -0.53 -42.97 11.04
C GLN A 37 0.51 -42.77 12.13
N ILE A 38 1.69 -42.27 11.76
CA ILE A 38 2.74 -42.05 12.76
C ILE A 38 2.42 -40.85 13.64
N THR A 39 1.63 -39.90 13.14
CA THR A 39 1.21 -38.71 13.88
C THR A 39 -0.20 -38.85 14.44
N ASN A 40 -0.69 -40.09 14.61
CA ASN A 40 -2.05 -40.29 15.11
C ASN A 40 -2.16 -40.11 16.62
N ASN A 41 -1.04 -40.20 17.36
CA ASN A 41 -1.05 -40.22 18.81
C ASN A 41 -0.28 -39.06 19.42
N ILE A 42 -0.38 -37.88 18.82
CA ILE A 42 0.11 -36.63 19.40
C ILE A 42 -1.07 -35.71 19.65
N ASP A 43 -0.91 -34.76 20.57
CA ASP A 43 -2.04 -33.86 20.91
C ASP A 43 -2.24 -32.84 19.78
N PRO A 44 -3.48 -32.56 19.33
CA PRO A 44 -3.71 -31.52 18.32
C PRO A 44 -3.18 -30.18 18.80
N VAL A 45 -2.78 -29.34 17.86
CA VAL A 45 -2.19 -28.05 18.21
C VAL A 45 -3.20 -27.15 18.90
N GLY A 46 -4.49 -27.31 18.59
CA GLY A 46 -5.55 -26.52 19.19
C GLY A 46 -5.82 -25.25 18.39
N ARG A 47 -6.74 -24.46 18.95
CA ARG A 47 -7.16 -23.23 18.28
C ARG A 47 -6.02 -22.21 18.30
N ILE A 48 -5.49 -21.91 17.11
CA ILE A 48 -4.42 -20.92 16.95
C ILE A 48 -5.09 -19.62 16.56
N GLN A 49 -5.19 -18.70 17.52
CA GLN A 49 -5.83 -17.40 17.34
C GLN A 49 -4.77 -16.31 17.42
N MET A 50 -4.44 -15.72 16.27
CA MET A 50 -3.57 -14.57 16.17
C MET A 50 -4.40 -13.32 15.89
N ARG A 51 -3.83 -12.17 16.22
CA ARG A 51 -4.49 -10.88 16.05
C ARG A 51 -3.53 -9.89 15.40
N THR A 52 -4.10 -8.97 14.63
CA THR A 52 -3.31 -7.94 13.97
C THR A 52 -2.73 -7.00 15.02
N ARG A 53 -1.42 -7.09 15.24
CA ARG A 53 -0.73 -6.23 16.18
C ARG A 53 -0.26 -4.92 15.55
N ARG A 54 0.10 -4.94 14.26
CA ARG A 54 0.51 -3.76 13.53
C ARG A 54 -0.17 -3.78 12.17
N THR A 55 -0.47 -2.59 11.67
CA THR A 55 -0.98 -2.39 10.31
C THR A 55 -0.11 -1.36 9.62
N LEU A 56 0.65 -1.79 8.62
CA LEU A 56 1.57 -0.92 7.89
C LEU A 56 0.83 -0.32 6.70
N ARG A 57 0.74 1.00 6.68
CA ARG A 57 0.03 1.76 5.66
C ARG A 57 0.99 2.68 4.94
N GLY A 58 0.75 2.89 3.65
CA GLY A 58 1.56 3.77 2.83
C GLY A 58 1.70 3.32 1.40
N HIS A 59 1.53 2.02 1.14
CA HIS A 59 1.45 1.52 -0.22
C HIS A 59 0.09 1.85 -0.81
N LEU A 60 0.10 2.29 -2.06
CA LEU A 60 -1.09 2.79 -2.75
C LEU A 60 -1.54 1.89 -3.89
N ALA A 61 -1.08 0.64 -3.94
CA ALA A 61 -1.51 -0.30 -4.96
C ALA A 61 -1.32 -1.71 -4.38
N LYS A 62 -1.50 -2.72 -5.23
CA LYS A 62 -1.34 -4.09 -4.80
C LYS A 62 0.09 -4.36 -4.33
N ILE A 63 0.19 -5.08 -3.22
CA ILE A 63 1.47 -5.56 -2.70
C ILE A 63 1.66 -6.98 -3.21
N TYR A 64 2.78 -7.23 -3.88
CA TYR A 64 3.06 -8.51 -4.50
C TYR A 64 4.04 -9.36 -3.70
N ALA A 65 4.94 -8.76 -2.94
CA ALA A 65 5.98 -9.51 -2.24
C ALA A 65 6.45 -8.75 -1.02
N MET A 66 6.95 -9.50 -0.04
CA MET A 66 7.62 -8.93 1.12
C MET A 66 8.66 -9.93 1.61
N HIS A 67 9.61 -9.42 2.40
CA HIS A 67 10.63 -10.29 2.99
C HIS A 67 11.12 -9.67 4.28
N TRP A 68 11.18 -10.47 5.34
CA TRP A 68 11.76 -10.01 6.60
C TRP A 68 13.28 -9.91 6.49
N GLY A 69 13.83 -8.91 7.18
CA GLY A 69 15.25 -8.91 7.43
C GLY A 69 15.63 -9.91 8.50
N THR A 70 16.91 -10.25 8.57
CA THR A 70 17.36 -11.26 9.53
C THR A 70 17.25 -10.79 10.98
N ASP A 71 17.20 -9.49 11.24
CA ASP A 71 17.03 -8.98 12.59
C ASP A 71 15.60 -9.16 13.13
N SER A 72 14.65 -9.57 12.28
CA SER A 72 13.26 -9.79 12.66
C SER A 72 12.54 -8.52 13.08
N ARG A 73 13.06 -7.35 12.68
CA ARG A 73 12.43 -6.06 12.97
C ARG A 73 12.22 -5.28 11.68
N LEU A 74 13.20 -5.33 10.79
CA LEU A 74 13.10 -4.68 9.49
C LEU A 74 12.52 -5.64 8.47
N LEU A 75 11.72 -5.10 7.57
CA LEU A 75 11.12 -5.88 6.49
C LEU A 75 10.96 -4.99 5.28
N VAL A 76 11.14 -5.59 4.11
CA VAL A 76 10.98 -4.93 2.82
C VAL A 76 9.68 -5.41 2.19
N SER A 77 9.00 -4.51 1.50
CA SER A 77 7.77 -4.82 0.78
C SER A 77 7.82 -4.14 -0.59
N ALA A 78 7.24 -4.82 -1.57
CA ALA A 78 7.21 -4.35 -2.96
C ALA A 78 5.76 -4.30 -3.43
N SER A 79 5.42 -3.22 -4.14
CA SER A 79 4.06 -2.97 -4.58
C SER A 79 4.06 -2.44 -6.01
N GLN A 80 2.90 -2.53 -6.64
CA GLN A 80 2.72 -2.08 -8.02
C GLN A 80 2.74 -0.57 -8.18
N ASP A 81 2.80 0.20 -7.09
CA ASP A 81 2.95 1.65 -7.18
C ASP A 81 4.38 2.09 -7.49
N GLY A 82 5.29 1.17 -7.81
CA GLY A 82 6.64 1.53 -8.14
C GLY A 82 7.51 1.87 -6.95
N LYS A 83 7.11 1.47 -5.74
CA LYS A 83 7.81 1.79 -4.52
C LYS A 83 8.19 0.51 -3.79
N LEU A 84 9.36 0.55 -3.16
CA LEU A 84 9.88 -0.52 -2.33
C LEU A 84 10.20 0.10 -0.98
N ILE A 85 9.41 -0.24 0.03
CA ILE A 85 9.47 0.39 1.35
C ILE A 85 10.11 -0.58 2.33
N ILE A 86 11.10 -0.09 3.08
CA ILE A 86 11.62 -0.82 4.24
C ILE A 86 10.95 -0.24 5.47
N TRP A 87 10.34 -1.12 6.26
CA TRP A 87 9.54 -0.75 7.42
C TRP A 87 10.28 -1.11 8.70
N ASP A 88 10.09 -0.29 9.73
CA ASP A 88 10.42 -0.65 11.10
C ASP A 88 9.13 -1.18 11.72
N SER A 89 9.04 -2.51 11.86
CA SER A 89 7.79 -3.13 12.26
C SER A 89 7.42 -2.79 13.70
N TYR A 90 8.42 -2.57 14.56
CA TYR A 90 8.14 -2.32 15.97
C TYR A 90 7.41 -0.99 16.15
N THR A 91 7.88 0.06 15.49
CA THR A 91 7.29 1.40 15.58
C THR A 91 6.44 1.78 14.39
N THR A 92 6.37 0.95 13.35
CA THR A 92 5.72 1.24 12.07
C THR A 92 6.38 2.41 11.34
N ASN A 93 7.60 2.78 11.70
CA ASN A 93 8.30 3.85 10.99
C ASN A 93 8.74 3.37 9.63
N LYS A 94 8.63 4.25 8.64
CA LYS A 94 9.18 4.01 7.32
C LYS A 94 10.65 4.41 7.32
N VAL A 95 11.54 3.43 7.12
CA VAL A 95 12.97 3.70 7.13
C VAL A 95 13.44 4.22 5.79
N HIS A 96 13.00 3.59 4.70
CA HIS A 96 13.36 3.98 3.35
C HIS A 96 12.16 3.86 2.43
N ALA A 97 12.14 4.67 1.39
CA ALA A 97 11.15 4.58 0.31
C ALA A 97 11.93 4.64 -0.99
N ILE A 98 12.09 3.49 -1.64
CA ILE A 98 12.97 3.34 -2.78
C ILE A 98 12.10 3.36 -4.05
N PRO A 99 12.17 4.39 -4.90
CA PRO A 99 11.41 4.33 -6.16
C PRO A 99 12.04 3.37 -7.15
N LEU A 100 11.20 2.55 -7.78
CA LEU A 100 11.63 1.56 -8.74
C LEU A 100 11.46 2.07 -10.16
N ARG A 101 12.43 1.72 -11.02
CA ARG A 101 12.34 2.10 -12.42
C ARG A 101 11.14 1.46 -13.10
N SER A 102 10.89 0.18 -12.82
CA SER A 102 9.75 -0.56 -13.33
C SER A 102 8.77 -0.80 -12.19
N SER A 103 7.50 -0.47 -12.42
CA SER A 103 6.46 -0.63 -11.41
C SER A 103 5.83 -2.02 -11.40
N TRP A 104 6.29 -2.93 -12.25
CA TRP A 104 5.70 -4.27 -12.40
C TRP A 104 6.48 -5.31 -11.61
N VAL A 105 6.97 -4.92 -10.44
CA VAL A 105 7.67 -5.81 -9.53
C VAL A 105 6.73 -6.93 -9.08
N MET A 106 7.28 -8.15 -8.99
CA MET A 106 6.57 -9.28 -8.41
C MET A 106 7.34 -9.99 -7.30
N THR A 107 8.60 -9.63 -7.07
CA THR A 107 9.38 -10.23 -6.00
C THR A 107 10.27 -9.17 -5.38
N CYS A 108 10.66 -9.43 -4.13
CA CYS A 108 11.64 -8.60 -3.45
C CYS A 108 12.40 -9.48 -2.46
N ALA A 109 13.59 -9.03 -2.09
CA ALA A 109 14.47 -9.78 -1.22
C ALA A 109 15.24 -8.83 -0.30
N TYR A 110 15.61 -9.37 0.86
CA TYR A 110 16.39 -8.60 1.86
C TYR A 110 17.63 -9.43 2.18
N ALA A 111 18.82 -8.92 1.91
CA ALA A 111 20.06 -9.66 2.09
C ALA A 111 20.23 -10.04 3.58
N PRO A 112 20.86 -11.18 3.89
CA PRO A 112 21.04 -11.53 5.30
C PRO A 112 21.85 -10.53 6.11
N SER A 113 22.81 -9.84 5.50
CA SER A 113 23.59 -8.82 6.19
C SER A 113 22.76 -7.57 6.50
N GLY A 114 21.67 -7.34 5.79
CA GLY A 114 20.92 -6.10 5.90
C GLY A 114 21.45 -4.96 5.06
N ASN A 115 22.57 -5.15 4.36
CA ASN A 115 23.17 -4.08 3.57
C ASN A 115 22.51 -3.90 2.20
N TYR A 116 21.74 -4.87 1.72
CA TYR A 116 21.17 -4.84 0.39
C TYR A 116 19.75 -5.37 0.40
N VAL A 117 18.97 -4.86 -0.56
CA VAL A 117 17.69 -5.45 -0.94
C VAL A 117 17.70 -5.59 -2.45
N ALA A 118 16.86 -6.50 -2.94
CA ALA A 118 16.72 -6.78 -4.36
C ALA A 118 15.26 -6.89 -4.72
N CYS A 119 14.94 -6.64 -5.99
CA CYS A 119 13.58 -6.79 -6.48
C CYS A 119 13.59 -6.89 -8.00
N GLY A 120 12.50 -7.41 -8.55
CA GLY A 120 12.37 -7.59 -9.98
C GLY A 120 10.96 -8.03 -10.33
N GLY A 121 10.73 -8.16 -11.63
CA GLY A 121 9.40 -8.49 -12.13
C GLY A 121 9.34 -8.62 -13.64
N LEU A 122 8.32 -8.01 -14.25
CA LEU A 122 8.09 -8.13 -15.69
C LEU A 122 9.17 -7.45 -16.54
N ASP A 123 10.06 -6.65 -15.95
CA ASP A 123 11.22 -6.14 -16.67
C ASP A 123 12.29 -7.20 -16.91
N ASN A 124 12.15 -8.41 -16.34
CA ASN A 124 13.09 -9.52 -16.53
C ASN A 124 14.44 -9.23 -15.88
N ILE A 125 14.46 -8.41 -14.83
CA ILE A 125 15.69 -8.00 -14.15
C ILE A 125 15.44 -8.02 -12.65
N CYS A 126 16.33 -8.69 -11.90
CA CYS A 126 16.40 -8.54 -10.44
C CYS A 126 17.48 -7.51 -10.14
N SER A 127 17.06 -6.31 -9.75
CA SER A 127 17.96 -5.17 -9.52
C SER A 127 18.35 -5.10 -8.04
N ILE A 128 19.63 -4.79 -7.79
CA ILE A 128 20.19 -4.77 -6.45
C ILE A 128 20.29 -3.31 -5.99
N TYR A 129 19.99 -3.08 -4.72
CA TYR A 129 20.02 -1.76 -4.10
C TYR A 129 20.92 -1.77 -2.87
N ASN A 130 21.74 -0.74 -2.73
CA ASN A 130 22.66 -0.60 -1.60
C ASN A 130 22.03 0.30 -0.54
N LEU A 131 21.75 -0.27 0.63
CA LEU A 131 21.11 0.47 1.71
C LEU A 131 22.09 1.30 2.54
N LYS A 132 23.38 0.95 2.55
CA LYS A 132 24.40 1.56 3.42
C LYS A 132 25.45 2.22 2.55
N THR A 133 25.29 3.53 2.31
CA THR A 133 26.20 4.32 1.50
C THR A 133 26.70 5.50 2.31
N ARG A 134 27.86 6.03 1.91
CA ARG A 134 28.39 7.23 2.56
C ARG A 134 27.45 8.41 2.36
N GLU A 135 26.77 8.46 1.23
CA GLU A 135 25.65 9.38 1.04
C GLU A 135 24.42 8.85 1.76
N GLY A 136 23.48 9.74 2.04
CA GLY A 136 22.30 9.35 2.80
C GLY A 136 21.27 8.56 2.04
N ASN A 137 21.43 8.42 0.71
CA ASN A 137 20.39 7.87 -0.14
C ASN A 137 20.74 6.45 -0.59
N VAL A 138 19.71 5.70 -0.95
CA VAL A 138 19.85 4.36 -1.49
C VAL A 138 20.05 4.48 -3.00
N ARG A 139 20.92 3.64 -3.55
CA ARG A 139 21.26 3.63 -4.97
C ARG A 139 21.21 2.21 -5.51
N VAL A 140 21.03 2.11 -6.83
CA VAL A 140 21.10 0.81 -7.49
C VAL A 140 22.55 0.38 -7.55
N SER A 141 22.83 -0.84 -7.10
CA SER A 141 24.16 -1.41 -7.21
C SER A 141 24.36 -2.13 -8.55
N ARG A 142 23.44 -3.03 -8.89
CA ARG A 142 23.52 -3.84 -10.10
C ARG A 142 22.13 -4.00 -10.69
N GLU A 143 22.13 -4.31 -12.00
CA GLU A 143 20.91 -4.67 -12.73
C GLU A 143 21.20 -5.98 -13.44
N LEU A 144 20.76 -7.08 -12.84
CA LEU A 144 21.07 -8.43 -13.34
C LEU A 144 20.17 -8.75 -14.52
N ALA A 145 20.71 -8.62 -15.73
CA ALA A 145 19.99 -8.86 -16.97
C ALA A 145 20.50 -10.14 -17.61
N GLY A 146 19.59 -10.85 -18.29
CA GLY A 146 19.91 -12.12 -18.92
C GLY A 146 18.77 -13.12 -18.92
N HIS A 147 17.80 -12.94 -18.03
CA HIS A 147 16.59 -13.75 -18.08
C HIS A 147 15.72 -13.31 -19.24
N THR A 148 15.07 -14.29 -19.87
CA THR A 148 14.19 -14.04 -21.00
C THR A 148 12.76 -13.75 -20.58
N GLY A 149 12.32 -14.30 -19.45
CA GLY A 149 10.99 -14.08 -18.93
C GLY A 149 11.01 -13.21 -17.69
N TYR A 150 9.80 -12.99 -17.15
CA TYR A 150 9.63 -12.20 -15.95
C TYR A 150 10.33 -12.84 -14.76
N LEU A 151 10.81 -12.00 -13.85
CA LEU A 151 11.36 -12.46 -12.57
C LEU A 151 10.23 -12.72 -11.60
N SER A 152 10.16 -13.95 -11.09
CA SER A 152 9.16 -14.36 -10.11
C SER A 152 9.70 -14.45 -8.69
N CYS A 153 10.99 -14.70 -8.51
CA CYS A 153 11.59 -14.80 -7.19
C CYS A 153 13.10 -14.69 -7.26
N CYS A 154 13.71 -13.87 -6.39
CA CYS A 154 15.14 -13.91 -6.14
C CYS A 154 15.42 -13.87 -4.63
N ARG A 155 16.52 -14.51 -4.24
CA ARG A 155 16.88 -14.71 -2.83
C ARG A 155 18.39 -14.66 -2.68
N PHE A 156 18.85 -13.90 -1.68
CA PHE A 156 20.27 -13.72 -1.42
C PHE A 156 20.85 -14.93 -0.69
N LEU A 157 22.04 -15.37 -1.12
CA LEU A 157 22.89 -16.23 -0.31
C LEU A 157 23.85 -15.43 0.56
N ASP A 158 24.42 -14.39 -0.01
CA ASP A 158 25.34 -13.49 0.69
C ASP A 158 25.31 -12.16 -0.08
N ASP A 159 26.26 -11.28 0.23
CA ASP A 159 26.28 -9.98 -0.42
C ASP A 159 26.68 -10.05 -1.89
N ASN A 160 27.30 -11.16 -2.33
CA ASN A 160 27.81 -11.30 -3.69
C ASN A 160 27.09 -12.32 -4.54
N GLN A 161 26.16 -13.10 -3.97
CA GLN A 161 25.48 -14.18 -4.68
C GLN A 161 23.97 -14.08 -4.48
N ILE A 162 23.23 -14.32 -5.55
CA ILE A 162 21.77 -14.26 -5.53
C ILE A 162 21.23 -15.24 -6.58
N VAL A 163 20.31 -16.10 -6.17
CA VAL A 163 19.61 -17.02 -7.06
C VAL A 163 18.37 -16.29 -7.57
N THR A 164 18.04 -16.50 -8.84
CA THR A 164 16.84 -15.97 -9.46
C THR A 164 16.03 -17.12 -10.06
N SER A 165 14.70 -16.94 -10.07
CA SER A 165 13.78 -17.80 -10.80
C SER A 165 12.99 -16.93 -11.76
N SER A 166 12.62 -17.51 -12.90
CA SER A 166 12.07 -16.74 -14.00
C SER A 166 11.03 -17.55 -14.78
N GLY A 167 10.20 -16.83 -15.52
CA GLY A 167 9.18 -17.40 -16.37
C GLY A 167 9.68 -18.00 -17.66
N ASP A 168 10.98 -17.92 -17.94
CA ASP A 168 11.59 -18.62 -19.08
C ASP A 168 11.95 -20.07 -18.77
N THR A 169 11.41 -20.66 -17.69
CA THR A 169 11.56 -22.06 -17.32
C THR A 169 12.94 -22.39 -16.77
N THR A 170 13.68 -21.41 -16.26
CA THR A 170 15.03 -21.61 -15.73
C THR A 170 15.21 -20.83 -14.43
N CYS A 171 16.21 -21.23 -13.66
CA CYS A 171 16.73 -20.47 -12.54
C CYS A 171 18.21 -20.19 -12.80
N ALA A 172 18.72 -19.12 -12.19
CA ALA A 172 20.10 -18.68 -12.42
C ALA A 172 20.72 -18.23 -11.10
N LEU A 173 21.98 -18.62 -10.91
CA LEU A 173 22.82 -18.12 -9.82
C LEU A 173 23.72 -17.03 -10.38
N TRP A 174 23.60 -15.82 -9.83
CA TRP A 174 24.34 -14.65 -10.28
C TRP A 174 25.50 -14.34 -9.35
N ASP A 175 26.59 -13.85 -9.95
CA ASP A 175 27.68 -13.21 -9.23
C ASP A 175 27.41 -11.71 -9.29
N ILE A 176 27.10 -11.13 -8.13
CA ILE A 176 26.65 -9.74 -8.10
C ILE A 176 27.79 -8.80 -8.48
N GLU A 177 29.02 -9.13 -8.09
CA GLU A 177 30.16 -8.27 -8.41
C GLU A 177 30.37 -8.18 -9.91
N THR A 178 30.47 -9.32 -10.59
CA THR A 178 30.65 -9.32 -12.04
C THR A 178 29.34 -9.02 -12.76
N GLY A 179 28.22 -9.46 -12.20
CA GLY A 179 26.92 -9.18 -12.78
C GLY A 179 26.51 -10.09 -13.91
N GLN A 180 26.83 -11.37 -13.83
CA GLN A 180 26.46 -12.34 -14.85
C GLN A 180 26.24 -13.70 -14.20
N GLN A 181 25.59 -14.59 -14.95
CA GLN A 181 25.17 -15.87 -14.39
C GLN A 181 26.38 -16.78 -14.21
N THR A 182 26.63 -17.20 -12.97
CA THR A 182 27.63 -18.22 -12.72
C THR A 182 27.12 -19.60 -13.12
N THR A 183 25.84 -19.88 -12.84
CA THR A 183 25.21 -21.14 -13.18
C THR A 183 23.81 -20.86 -13.70
N THR A 184 23.37 -21.72 -14.63
CA THR A 184 22.02 -21.70 -15.16
C THR A 184 21.40 -23.06 -14.89
N PHE A 185 20.28 -23.05 -14.18
CA PHE A 185 19.57 -24.27 -13.78
C PHE A 185 18.39 -24.47 -14.71
N THR A 186 18.38 -25.60 -15.44
CA THR A 186 17.37 -25.89 -16.45
C THR A 186 16.83 -27.29 -16.25
N GLY A 187 15.62 -27.51 -16.75
CA GLY A 187 14.92 -28.77 -16.63
C GLY A 187 13.42 -28.64 -16.45
N HIS A 188 12.96 -27.49 -15.99
CA HIS A 188 11.53 -27.22 -15.91
C HIS A 188 10.95 -27.00 -17.30
N THR A 189 9.73 -27.52 -17.51
CA THR A 189 9.00 -27.33 -18.75
C THR A 189 7.94 -26.24 -18.67
N GLY A 190 7.83 -25.54 -17.54
CA GLY A 190 6.87 -24.46 -17.38
C GLY A 190 7.47 -23.30 -16.62
N ASP A 191 6.69 -22.23 -16.53
CA ASP A 191 7.14 -21.02 -15.86
C ASP A 191 7.46 -21.29 -14.39
N VAL A 192 8.64 -20.88 -13.96
CA VAL A 192 9.07 -21.03 -12.58
C VAL A 192 8.53 -19.86 -11.79
N MET A 193 7.88 -20.15 -10.66
CA MET A 193 7.10 -19.18 -9.90
C MET A 193 7.66 -18.85 -8.54
N SER A 194 8.42 -19.76 -7.93
CA SER A 194 8.83 -19.63 -6.53
C SER A 194 10.18 -20.31 -6.31
N LEU A 195 10.83 -19.92 -5.22
CA LEU A 195 12.20 -20.29 -4.92
C LEU A 195 12.37 -20.27 -3.40
N SER A 196 13.10 -21.26 -2.87
CA SER A 196 13.36 -21.34 -1.44
C SER A 196 14.71 -21.99 -1.21
N LEU A 197 15.62 -21.24 -0.58
CA LEU A 197 16.95 -21.70 -0.25
C LEU A 197 16.92 -22.58 0.99
N ALA A 198 17.75 -23.61 1.01
CA ALA A 198 17.86 -24.45 2.19
C ALA A 198 18.55 -23.66 3.31
N PRO A 199 18.45 -24.12 4.57
CA PRO A 199 19.18 -23.44 5.65
C PRO A 199 20.67 -23.36 5.45
N ASP A 200 21.30 -24.41 4.92
CA ASP A 200 22.73 -24.41 4.66
C ASP A 200 23.13 -23.67 3.39
N THR A 201 22.16 -23.30 2.53
CA THR A 201 22.39 -22.62 1.27
C THR A 201 23.16 -23.46 0.26
N ARG A 202 23.25 -24.78 0.47
CA ARG A 202 23.89 -25.69 -0.48
C ARG A 202 22.91 -26.22 -1.52
N LEU A 203 21.62 -26.23 -1.22
CA LEU A 203 20.57 -26.67 -2.12
C LEU A 203 19.45 -25.65 -2.12
N PHE A 204 18.60 -25.72 -3.13
CA PHE A 204 17.35 -24.95 -3.15
C PHE A 204 16.32 -25.70 -3.98
N VAL A 205 15.05 -25.47 -3.64
CA VAL A 205 13.90 -26.07 -4.30
C VAL A 205 13.22 -24.98 -5.12
N SER A 206 12.34 -25.40 -6.02
CA SER A 206 11.72 -24.47 -6.95
C SER A 206 10.47 -25.09 -7.56
N GLY A 207 9.34 -24.39 -7.44
CA GLY A 207 8.07 -24.81 -8.02
C GLY A 207 7.79 -24.02 -9.28
N ALA A 208 7.07 -24.65 -10.21
CA ALA A 208 6.84 -24.08 -11.53
C ALA A 208 5.45 -24.43 -12.03
N CYS A 209 5.12 -23.90 -13.21
CA CYS A 209 3.81 -24.07 -13.82
C CYS A 209 3.62 -25.43 -14.46
N ASP A 210 4.67 -26.26 -14.55
CA ASP A 210 4.51 -27.64 -14.98
C ASP A 210 4.06 -28.57 -13.86
N ALA A 211 3.65 -28.03 -12.71
CA ALA A 211 3.07 -28.76 -11.58
C ALA A 211 4.08 -29.62 -10.83
N SER A 212 5.38 -29.43 -11.04
CA SER A 212 6.43 -30.21 -10.39
C SER A 212 7.36 -29.28 -9.62
N ALA A 213 8.10 -29.89 -8.68
CA ALA A 213 9.14 -29.22 -7.93
C ALA A 213 10.45 -29.97 -8.11
N LYS A 214 11.55 -29.22 -8.18
CA LYS A 214 12.88 -29.77 -8.43
C LYS A 214 13.84 -29.30 -7.35
N LEU A 215 14.59 -30.25 -6.78
CA LEU A 215 15.70 -29.96 -5.90
C LEU A 215 16.96 -29.81 -6.74
N TRP A 216 17.64 -28.68 -6.60
CA TRP A 216 18.84 -28.38 -7.37
C TRP A 216 20.02 -28.20 -6.42
N ASP A 217 21.20 -28.62 -6.88
CA ASP A 217 22.44 -28.38 -6.15
C ASP A 217 23.07 -27.09 -6.65
N VAL A 218 23.38 -26.19 -5.72
CA VAL A 218 23.84 -24.85 -6.09
C VAL A 218 25.21 -24.89 -6.78
N ARG A 219 26.15 -25.68 -6.27
CA ARG A 219 27.51 -25.66 -6.81
C ARG A 219 27.67 -26.45 -8.10
N GLU A 220 27.16 -27.69 -8.16
CA GLU A 220 27.25 -28.52 -9.35
C GLU A 220 26.30 -28.10 -10.47
N GLY A 221 25.17 -27.47 -10.22
CA GLY A 221 24.37 -26.94 -11.36
C GLY A 221 23.24 -27.80 -11.85
N MET A 222 23.03 -28.94 -11.18
CA MET A 222 22.05 -29.90 -11.73
C MET A 222 20.91 -30.21 -10.77
N CYS A 223 19.85 -30.80 -11.31
CA CYS A 223 18.69 -31.23 -10.54
C CYS A 223 18.97 -32.58 -9.93
N ARG A 224 18.86 -32.71 -8.62
CA ARG A 224 19.00 -33.97 -7.90
C ARG A 224 17.71 -34.79 -7.94
N GLN A 225 16.57 -34.16 -7.62
CA GLN A 225 15.30 -34.84 -7.46
C GLN A 225 14.20 -34.01 -8.10
N THR A 226 13.15 -34.70 -8.53
CA THR A 226 11.96 -34.07 -9.09
C THR A 226 10.75 -34.62 -8.37
N PHE A 227 9.82 -33.73 -8.02
CA PHE A 227 8.66 -34.06 -7.20
C PHE A 227 7.40 -33.69 -7.96
N THR A 228 6.42 -34.60 -7.94
CA THR A 228 5.16 -34.43 -8.64
C THR A 228 4.01 -34.77 -7.70
N GLY A 229 2.79 -34.48 -8.16
CA GLY A 229 1.59 -34.74 -7.40
C GLY A 229 0.55 -33.66 -7.58
N HIS A 230 0.98 -32.44 -7.88
CA HIS A 230 0.05 -31.33 -8.04
C HIS A 230 -0.61 -31.41 -9.42
N GLU A 231 -1.85 -30.90 -9.48
CA GLU A 231 -2.64 -30.91 -10.70
C GLU A 231 -2.63 -29.58 -11.45
N SER A 232 -1.89 -28.58 -10.98
CA SER A 232 -1.89 -27.26 -11.60
C SER A 232 -0.58 -26.58 -11.25
N ASP A 233 -0.51 -25.28 -11.52
CA ASP A 233 0.72 -24.53 -11.30
C ASP A 233 1.05 -24.43 -9.83
N ILE A 234 2.32 -24.65 -9.49
CA ILE A 234 2.82 -24.43 -8.15
C ILE A 234 3.20 -22.96 -8.03
N ASN A 235 2.52 -22.23 -7.15
CA ASN A 235 2.72 -20.80 -6.99
C ASN A 235 3.79 -20.46 -5.96
N ALA A 236 3.95 -21.28 -4.92
CA ALA A 236 4.76 -20.93 -3.77
C ALA A 236 5.47 -22.17 -3.26
N ILE A 237 6.64 -21.96 -2.65
CA ILE A 237 7.45 -23.04 -2.13
C ILE A 237 8.24 -22.51 -0.94
N CYS A 238 8.42 -23.35 0.08
CA CYS A 238 9.19 -23.00 1.26
C CYS A 238 9.84 -24.24 1.83
N PHE A 239 11.04 -24.12 2.31
CA PHE A 239 11.72 -25.23 3.00
C PHE A 239 11.34 -25.35 4.45
N PHE A 240 11.26 -26.57 4.93
CA PHE A 240 11.12 -26.87 6.34
C PHE A 240 12.39 -26.40 7.06
N PRO A 241 12.31 -26.02 8.35
CA PRO A 241 13.54 -25.54 9.03
C PRO A 241 14.66 -26.56 9.11
N ASN A 242 14.33 -27.85 9.13
CA ASN A 242 15.36 -28.88 9.11
C ASN A 242 16.16 -28.85 7.81
N GLY A 243 15.53 -28.44 6.71
CA GLY A 243 16.12 -28.55 5.40
C GLY A 243 15.97 -29.90 4.74
N ASN A 244 15.31 -30.87 5.39
CA ASN A 244 15.07 -32.20 4.85
C ASN A 244 13.69 -32.35 4.21
N ALA A 245 12.90 -31.28 4.12
CA ALA A 245 11.58 -31.34 3.52
C ALA A 245 11.20 -29.93 3.09
N PHE A 246 10.16 -29.86 2.26
CA PHE A 246 9.67 -28.57 1.80
C PHE A 246 8.18 -28.68 1.51
N ALA A 247 7.52 -27.52 1.50
CA ALA A 247 6.10 -27.40 1.25
C ALA A 247 5.87 -26.61 -0.02
N THR A 248 4.77 -26.94 -0.72
CA THR A 248 4.37 -26.29 -1.96
C THR A 248 2.95 -25.78 -1.82
N GLY A 249 2.65 -24.71 -2.57
CA GLY A 249 1.30 -24.17 -2.68
C GLY A 249 0.94 -23.95 -4.13
N SER A 250 -0.25 -24.39 -4.55
CA SER A 250 -0.59 -24.53 -5.96
C SER A 250 -1.95 -23.93 -6.27
N ASP A 251 -2.21 -23.78 -7.57
CA ASP A 251 -3.48 -23.25 -8.06
C ASP A 251 -4.63 -24.24 -7.90
N ASP A 252 -4.35 -25.51 -7.59
CA ASP A 252 -5.38 -26.52 -7.38
C ASP A 252 -5.95 -26.53 -5.96
N ALA A 253 -5.81 -25.44 -5.21
CA ALA A 253 -6.35 -25.27 -3.86
C ALA A 253 -5.79 -26.28 -2.88
N THR A 254 -4.54 -26.71 -3.07
CA THR A 254 -3.91 -27.73 -2.25
C THR A 254 -2.51 -27.27 -1.88
N CYS A 255 -2.10 -27.58 -0.66
CA CYS A 255 -0.70 -27.54 -0.24
C CYS A 255 -0.23 -28.96 0.06
N ARG A 256 1.04 -29.22 -0.26
CA ARG A 256 1.62 -30.55 -0.15
C ARG A 256 2.99 -30.45 0.50
N LEU A 257 3.32 -31.45 1.31
CA LEU A 257 4.60 -31.56 1.99
C LEU A 257 5.41 -32.66 1.32
N PHE A 258 6.64 -32.34 0.94
CA PHE A 258 7.54 -33.25 0.24
C PHE A 258 8.80 -33.46 1.07
N ASP A 259 9.24 -34.71 1.14
CA ASP A 259 10.48 -35.09 1.82
C ASP A 259 11.54 -35.40 0.79
N LEU A 260 12.74 -34.84 0.98
CA LEU A 260 13.83 -35.06 0.04
C LEU A 260 14.41 -36.46 0.15
N ARG A 261 14.61 -36.96 1.37
CA ARG A 261 15.24 -38.26 1.54
C ARG A 261 14.31 -39.41 1.17
N ALA A 262 13.03 -39.32 1.49
CA ALA A 262 12.07 -40.31 1.03
C ALA A 262 11.69 -40.13 -0.43
N ASP A 263 11.85 -38.93 -0.99
CA ASP A 263 11.66 -38.68 -2.41
C ASP A 263 10.20 -38.87 -2.82
N GLN A 264 9.26 -38.46 -1.98
CA GLN A 264 7.85 -38.56 -2.30
C GLN A 264 7.04 -37.68 -1.36
N GLU A 265 5.75 -37.58 -1.65
CA GLU A 265 4.80 -36.82 -0.84
C GLU A 265 4.61 -37.48 0.52
N LEU A 266 4.33 -36.65 1.52
CA LEU A 266 3.97 -37.10 2.86
C LEU A 266 2.55 -36.70 3.26
N MET A 267 2.22 -35.42 3.11
CA MET A 267 1.00 -34.85 3.65
C MET A 267 0.38 -33.92 2.62
N THR A 268 -0.96 -33.83 2.67
CA THR A 268 -1.74 -32.95 1.80
C THR A 268 -2.64 -32.10 2.66
N TYR A 269 -2.64 -30.79 2.41
CA TYR A 269 -3.41 -29.81 3.18
C TYR A 269 -4.48 -29.23 2.26
N SER A 270 -5.72 -29.69 2.44
CA SER A 270 -6.84 -29.21 1.64
C SER A 270 -8.12 -29.38 2.44
N HIS A 271 -9.17 -28.69 1.98
CA HIS A 271 -10.48 -28.75 2.63
C HIS A 271 -11.49 -28.48 1.52
N ASP A 272 -12.61 -29.22 1.55
CA ASP A 272 -13.57 -29.19 0.46
C ASP A 272 -14.17 -27.80 0.23
N ASN A 273 -14.30 -27.00 1.29
CA ASN A 273 -14.79 -25.64 1.13
C ASN A 273 -13.74 -24.70 0.53
N ILE A 274 -12.47 -25.08 0.52
CA ILE A 274 -11.41 -24.30 -0.11
C ILE A 274 -11.34 -24.75 -1.57
N ILE A 275 -11.67 -23.83 -2.48
CA ILE A 275 -11.72 -24.10 -3.92
C ILE A 275 -10.94 -23.04 -4.68
N CYS A 276 -9.96 -22.42 -4.03
CA CYS A 276 -9.21 -21.29 -4.54
C CYS A 276 -7.72 -21.52 -4.43
N GLY A 277 -6.96 -20.86 -5.29
CA GLY A 277 -5.52 -21.07 -5.33
C GLY A 277 -4.80 -20.55 -4.09
N ILE A 278 -3.55 -20.99 -3.96
CA ILE A 278 -2.66 -20.61 -2.86
C ILE A 278 -1.58 -19.72 -3.44
N THR A 279 -1.36 -18.57 -2.81
CA THR A 279 -0.41 -17.57 -3.30
C THR A 279 0.96 -17.66 -2.65
N SER A 280 1.02 -18.06 -1.38
CA SER A 280 2.24 -17.99 -0.59
C SER A 280 2.19 -19.05 0.49
N VAL A 281 3.36 -19.45 0.97
CA VAL A 281 3.47 -20.43 2.04
C VAL A 281 4.67 -20.06 2.90
N SER A 282 4.58 -20.38 4.19
CA SER A 282 5.71 -20.22 5.11
C SER A 282 5.46 -21.09 6.32
N PHE A 283 6.56 -21.57 6.90
CA PHE A 283 6.54 -22.43 8.07
C PHE A 283 6.72 -21.62 9.34
N SER A 284 6.43 -22.27 10.47
CA SER A 284 6.72 -21.62 11.76
C SER A 284 8.17 -21.96 12.09
N LYS A 285 8.69 -21.42 13.20
CA LYS A 285 10.09 -21.63 13.57
C LYS A 285 10.37 -23.10 13.85
N SER A 286 9.47 -23.78 14.57
CA SER A 286 9.61 -25.21 14.82
C SER A 286 9.16 -26.05 13.63
N GLY A 287 8.45 -25.47 12.66
CA GLY A 287 7.90 -26.21 11.55
C GLY A 287 6.58 -26.90 11.83
N ARG A 288 5.99 -26.69 13.02
CA ARG A 288 4.73 -27.34 13.33
C ARG A 288 3.55 -26.70 12.62
N LEU A 289 3.60 -25.39 12.36
CA LEU A 289 2.54 -24.65 11.71
C LEU A 289 2.95 -24.31 10.29
N LEU A 290 2.10 -24.68 9.33
CA LEU A 290 2.26 -24.32 7.93
C LEU A 290 1.23 -23.24 7.61
N LEU A 291 1.70 -22.04 7.33
CA LEU A 291 0.85 -20.90 7.05
C LEU A 291 0.82 -20.64 5.55
N ALA A 292 -0.37 -20.46 5.01
CA ALA A 292 -0.57 -20.31 3.57
C ALA A 292 -1.54 -19.17 3.30
N GLY A 293 -1.20 -18.32 2.34
CA GLY A 293 -2.10 -17.28 1.86
C GLY A 293 -2.89 -17.78 0.68
N TYR A 294 -4.13 -17.28 0.56
CA TYR A 294 -5.11 -17.78 -0.38
C TYR A 294 -5.72 -16.63 -1.18
N ASP A 295 -6.40 -17.01 -2.27
CA ASP A 295 -7.13 -16.04 -3.08
C ASP A 295 -8.43 -15.59 -2.44
N ASP A 296 -8.92 -16.30 -1.40
CA ASP A 296 -10.18 -15.94 -0.73
C ASP A 296 -10.01 -14.88 0.39
N PHE A 297 -8.90 -14.13 0.36
CA PHE A 297 -8.67 -12.92 1.17
C PHE A 297 -8.21 -13.26 2.59
N ASN A 298 -7.88 -14.52 2.88
CA ASN A 298 -7.49 -14.96 4.21
C ASN A 298 -6.24 -15.82 4.12
N CYS A 299 -5.61 -16.01 5.28
CA CYS A 299 -4.50 -16.92 5.46
C CYS A 299 -4.89 -18.01 6.45
N ASN A 300 -4.66 -19.26 6.05
CA ASN A 300 -5.04 -20.43 6.85
C ASN A 300 -3.79 -20.97 7.54
N VAL A 301 -3.93 -21.30 8.82
CA VAL A 301 -2.86 -21.88 9.62
C VAL A 301 -3.12 -23.38 9.70
N TRP A 302 -2.26 -24.15 9.05
CA TRP A 302 -2.36 -25.61 9.03
C TRP A 302 -1.40 -26.20 10.05
N ASP A 303 -1.87 -27.23 10.76
CA ASP A 303 -0.98 -28.04 11.58
C ASP A 303 -0.23 -28.96 10.63
N ALA A 304 1.08 -28.73 10.50
CA ALA A 304 1.86 -29.38 9.45
C ALA A 304 1.92 -30.89 9.65
N LEU A 305 2.00 -31.34 10.90
CA LEU A 305 2.14 -32.76 11.18
C LEU A 305 0.83 -33.53 11.00
N LYS A 306 -0.30 -32.92 11.37
CA LYS A 306 -1.58 -33.61 11.42
C LYS A 306 -2.53 -33.26 10.28
N ALA A 307 -2.12 -32.30 9.43
CA ALA A 307 -2.94 -31.89 8.26
C ALA A 307 -4.32 -31.39 8.72
N ASP A 308 -4.37 -30.75 9.89
CA ASP A 308 -5.65 -30.17 10.38
C ASP A 308 -5.56 -28.65 10.32
N ARG A 309 -6.67 -27.97 10.02
CA ARG A 309 -6.66 -26.52 10.01
C ARG A 309 -6.70 -26.03 11.46
N ALA A 310 -5.70 -25.23 11.84
CA ALA A 310 -5.54 -24.76 13.21
C ALA A 310 -6.06 -23.35 13.42
N GLY A 311 -6.10 -22.52 12.39
CA GLY A 311 -6.56 -21.15 12.57
C GLY A 311 -6.66 -20.44 11.23
N VAL A 312 -7.16 -19.21 11.31
CA VAL A 312 -7.36 -18.36 10.13
C VAL A 312 -6.96 -16.94 10.50
N LEU A 313 -6.32 -16.23 9.56
CA LEU A 313 -6.09 -14.80 9.65
C LEU A 313 -6.97 -14.12 8.60
N ALA A 314 -8.01 -13.44 9.05
CA ALA A 314 -9.09 -12.96 8.18
C ALA A 314 -9.24 -11.45 8.22
N GLY A 315 -8.11 -10.73 8.12
CA GLY A 315 -8.09 -9.28 8.23
C GLY A 315 -7.64 -8.57 6.97
N HIS A 316 -7.96 -9.12 5.80
CA HIS A 316 -7.61 -8.53 4.52
C HIS A 316 -8.84 -8.48 3.61
N ASP A 317 -8.97 -7.36 2.90
CA ASP A 317 -10.09 -7.13 1.98
C ASP A 317 -9.84 -7.62 0.57
N ASN A 318 -8.60 -7.98 0.23
CA ASN A 318 -8.24 -8.56 -1.05
C ASN A 318 -7.31 -9.75 -0.79
N ARG A 319 -6.86 -10.40 -1.86
CA ARG A 319 -6.14 -11.66 -1.69
C ARG A 319 -4.78 -11.48 -1.05
N VAL A 320 -4.40 -12.44 -0.22
CA VAL A 320 -3.09 -12.45 0.42
C VAL A 320 -2.07 -12.89 -0.62
N SER A 321 -1.24 -11.95 -1.07
CA SER A 321 -0.25 -12.22 -2.11
C SER A 321 1.07 -12.73 -1.56
N CYS A 322 1.40 -12.43 -0.31
CA CYS A 322 2.68 -12.83 0.27
C CYS A 322 2.55 -12.92 1.78
N LEU A 323 3.47 -13.66 2.38
CA LEU A 323 3.57 -13.75 3.83
C LEU A 323 4.96 -14.25 4.20
N GLY A 324 5.34 -14.00 5.45
CA GLY A 324 6.65 -14.42 5.92
C GLY A 324 6.70 -14.41 7.43
N VAL A 325 7.36 -15.42 7.98
CA VAL A 325 7.57 -15.56 9.42
C VAL A 325 8.96 -15.04 9.77
N THR A 326 9.08 -14.40 10.93
CA THR A 326 10.35 -13.85 11.35
C THR A 326 11.35 -14.96 11.66
N ASP A 327 12.64 -14.58 11.66
CA ASP A 327 13.70 -15.53 12.01
C ASP A 327 13.60 -16.00 13.46
N ASP A 328 13.25 -15.11 14.39
CA ASP A 328 12.99 -15.52 15.76
C ASP A 328 11.60 -16.13 15.96
N GLY A 329 10.75 -16.13 14.94
CA GLY A 329 9.45 -16.75 15.04
C GLY A 329 8.45 -16.01 15.89
N MET A 330 8.73 -14.75 16.23
CA MET A 330 7.86 -13.97 17.11
C MET A 330 6.62 -13.46 16.40
N ALA A 331 6.72 -13.20 15.09
CA ALA A 331 5.62 -12.60 14.33
C ALA A 331 5.61 -13.11 12.89
N VAL A 332 4.46 -12.95 12.26
CA VAL A 332 4.27 -13.27 10.84
C VAL A 332 3.65 -12.04 10.17
N ALA A 333 4.11 -11.76 8.96
CA ALA A 333 3.61 -10.66 8.14
C ALA A 333 2.75 -11.22 7.02
N THR A 334 1.81 -10.40 6.55
CA THR A 334 0.96 -10.74 5.42
C THR A 334 0.74 -9.51 4.56
N GLY A 335 1.23 -9.54 3.33
CA GLY A 335 0.90 -8.54 2.34
C GLY A 335 -0.31 -8.98 1.54
N SER A 336 -0.93 -8.02 0.84
CA SER A 336 -2.18 -8.30 0.16
C SER A 336 -2.40 -7.30 -0.97
N TRP A 337 -3.33 -7.65 -1.86
CA TRP A 337 -3.71 -6.77 -2.96
C TRP A 337 -4.52 -5.55 -2.52
N ASP A 338 -4.95 -5.49 -1.26
CA ASP A 338 -5.61 -4.31 -0.71
C ASP A 338 -4.63 -3.21 -0.27
N SER A 339 -3.34 -3.35 -0.59
CA SER A 339 -2.33 -2.32 -0.35
C SER A 339 -2.00 -2.13 1.11
N PHE A 340 -2.10 -3.18 1.91
CA PHE A 340 -1.79 -3.16 3.33
C PHE A 340 -0.94 -4.36 3.70
N LEU A 341 -0.08 -4.16 4.70
CA LEU A 341 0.61 -5.24 5.39
C LEU A 341 0.18 -5.25 6.85
N LYS A 342 -0.02 -6.46 7.38
CA LYS A 342 -0.40 -6.66 8.77
C LYS A 342 0.58 -7.62 9.42
N ILE A 343 0.86 -7.36 10.70
CA ILE A 343 1.76 -8.16 11.50
C ILE A 343 0.92 -8.84 12.58
N TRP A 344 1.02 -10.16 12.66
CA TRP A 344 0.17 -10.98 13.50
C TRP A 344 1.02 -11.70 14.54
N ASN A 345 0.44 -11.92 15.73
CA ASN A 345 1.17 -12.60 16.82
C ASN A 345 0.25 -13.63 17.50
N ALA B 12 16.10 -35.98 -25.92
CA ALA B 12 15.60 -37.22 -25.32
C ALA B 12 16.69 -37.90 -24.51
N ARG B 13 17.91 -37.89 -25.05
CA ARG B 13 19.05 -38.50 -24.35
C ARG B 13 19.32 -37.78 -23.03
N LYS B 14 19.22 -36.45 -23.02
CA LYS B 14 19.41 -35.69 -21.79
C LYS B 14 18.35 -36.06 -20.76
N LEU B 15 17.09 -36.20 -21.20
CA LEU B 15 16.02 -36.61 -20.29
C LEU B 15 16.27 -38.01 -19.73
N VAL B 16 16.74 -38.93 -20.58
CA VAL B 16 17.03 -40.28 -20.12
C VAL B 16 18.16 -40.26 -19.10
N GLU B 17 19.22 -39.49 -19.35
CA GLU B 17 20.33 -39.40 -18.41
C GLU B 17 19.89 -38.77 -17.10
N GLN B 18 19.04 -37.74 -17.15
CA GLN B 18 18.52 -37.14 -15.94
C GLN B 18 17.67 -38.12 -15.14
N LEU B 19 16.83 -38.89 -15.82
CA LEU B 19 16.01 -39.88 -15.12
C LEU B 19 16.87 -40.96 -14.49
N LYS B 20 17.93 -41.39 -15.19
CA LYS B 20 18.84 -42.38 -14.63
C LYS B 20 19.55 -41.82 -13.40
N MET B 21 19.99 -40.57 -13.47
CA MET B 21 20.67 -39.95 -12.32
C MET B 21 19.73 -39.82 -11.13
N GLU B 22 18.46 -39.45 -11.38
CA GLU B 22 17.49 -39.29 -10.31
C GLU B 22 16.96 -40.62 -9.77
N ALA B 23 17.07 -41.71 -10.53
CA ALA B 23 16.56 -43.01 -10.10
C ALA B 23 17.52 -43.78 -9.22
N ASN B 24 18.81 -43.42 -9.19
CA ASN B 24 19.83 -44.18 -8.48
C ASN B 24 20.17 -43.56 -7.12
N ILE B 25 19.20 -42.90 -6.49
CA ILE B 25 19.41 -42.26 -5.19
C ILE B 25 19.05 -43.25 -4.08
N ASP B 26 19.58 -42.99 -2.88
CA ASP B 26 19.27 -43.79 -1.70
C ASP B 26 18.06 -43.20 -1.00
N ARG B 27 17.01 -44.01 -0.86
CA ARG B 27 15.73 -43.59 -0.29
C ARG B 27 15.49 -44.30 1.03
N ILE B 28 15.18 -43.52 2.08
CA ILE B 28 14.80 -44.07 3.37
C ILE B 28 13.30 -44.31 3.38
N LYS B 29 12.83 -45.08 4.35
CA LYS B 29 11.39 -45.32 4.50
C LYS B 29 10.69 -44.03 4.91
N VAL B 30 9.43 -43.91 4.50
CA VAL B 30 8.64 -42.73 4.84
C VAL B 30 8.38 -42.67 6.33
N SER B 31 8.33 -43.83 7.00
CA SER B 31 8.17 -43.84 8.45
C SER B 31 9.35 -43.17 9.14
N LYS B 32 10.56 -43.41 8.64
CA LYS B 32 11.73 -42.74 9.20
C LYS B 32 11.65 -41.22 9.00
N ALA B 33 11.22 -40.79 7.80
CA ALA B 33 11.11 -39.36 7.54
C ALA B 33 10.06 -38.71 8.44
N ALA B 34 8.93 -39.40 8.64
CA ALA B 34 7.91 -38.88 9.54
C ALA B 34 8.41 -38.82 10.97
N ALA B 35 9.16 -39.83 11.40
CA ALA B 35 9.71 -39.83 12.76
C ALA B 35 10.68 -38.68 12.96
N ASP B 36 11.56 -38.42 11.99
CA ASP B 36 12.48 -37.30 12.10
C ASP B 36 11.74 -35.96 12.08
N LEU B 37 10.70 -35.82 11.26
CA LEU B 37 9.95 -34.57 11.25
C LEU B 37 9.24 -34.33 12.58
N MET B 38 8.62 -35.37 13.14
CA MET B 38 7.96 -35.23 14.44
C MET B 38 8.98 -34.93 15.53
N ALA B 39 10.14 -35.59 15.50
CA ALA B 39 11.17 -35.33 16.49
C ALA B 39 11.69 -33.90 16.42
N TYR B 40 11.88 -33.38 15.19
CA TYR B 40 12.29 -31.98 15.05
C TYR B 40 11.23 -31.04 15.58
N CYS B 41 9.96 -31.31 15.28
CA CYS B 41 8.89 -30.43 15.78
C CYS B 41 8.81 -30.46 17.30
N GLU B 42 8.96 -31.64 17.91
CA GLU B 42 8.91 -31.75 19.36
C GLU B 42 10.14 -31.15 20.03
N ALA B 43 11.30 -31.18 19.38
CA ALA B 43 12.52 -30.65 19.98
C ALA B 43 12.57 -29.13 20.01
N HIS B 44 11.81 -28.46 19.15
CA HIS B 44 11.80 -26.99 19.03
C HIS B 44 10.45 -26.39 19.36
N ALA B 45 9.55 -27.15 19.99
CA ALA B 45 8.20 -26.66 20.24
C ALA B 45 8.18 -25.49 21.22
N LYS B 46 9.00 -25.55 22.26
CA LYS B 46 9.02 -24.50 23.27
C LYS B 46 9.52 -23.17 22.73
N GLU B 47 10.41 -23.18 21.73
CA GLU B 47 11.01 -21.98 21.18
C GLU B 47 10.23 -21.41 20.00
N ASP B 48 8.93 -21.71 19.90
CA ASP B 48 8.05 -21.27 18.81
C ASP B 48 7.01 -20.31 19.39
N PRO B 49 7.21 -18.99 19.31
CA PRO B 49 6.21 -18.07 19.88
C PRO B 49 4.82 -18.16 19.26
N LEU B 50 4.72 -18.43 17.96
CA LEU B 50 3.42 -18.55 17.32
C LEU B 50 2.69 -19.83 17.72
N LEU B 51 3.41 -20.85 18.18
CA LEU B 51 2.80 -22.08 18.66
C LEU B 51 2.27 -21.93 20.08
N THR B 52 3.16 -21.59 21.02
CA THR B 52 2.80 -21.27 22.39
C THR B 52 2.84 -19.75 22.54
N PRO B 53 1.73 -19.04 22.77
CA PRO B 53 1.81 -17.58 22.88
C PRO B 53 2.68 -17.13 24.06
N VAL B 54 3.48 -16.11 23.81
CA VAL B 54 4.43 -15.59 24.80
C VAL B 54 3.70 -14.61 25.71
N PRO B 55 4.19 -14.32 26.91
CA PRO B 55 3.57 -13.26 27.72
C PRO B 55 3.75 -11.90 27.08
N ALA B 56 2.85 -10.98 27.45
CA ALA B 56 2.86 -9.64 26.87
C ALA B 56 4.15 -8.89 27.17
N SER B 57 4.81 -9.21 28.29
CA SER B 57 6.05 -8.52 28.64
C SER B 57 7.14 -8.80 27.60
N GLU B 58 7.24 -10.04 27.14
CA GLU B 58 8.26 -10.45 26.18
C GLU B 58 7.83 -10.28 24.73
N ASN B 59 6.62 -9.77 24.46
CA ASN B 59 6.12 -9.65 23.11
C ASN B 59 6.47 -8.26 22.56
N PRO B 60 7.38 -8.12 21.59
CA PRO B 60 7.72 -6.77 21.10
C PRO B 60 6.57 -6.07 20.40
N PHE B 61 5.58 -6.81 19.90
CA PHE B 61 4.42 -6.24 19.23
C PHE B 61 3.23 -6.06 20.17
N ARG B 62 3.47 -5.93 21.46
CA ARG B 62 2.39 -5.69 22.43
C ARG B 62 1.70 -4.37 22.15
N TYR C 179 -56.52 12.11 22.31
CA TYR C 179 -56.61 11.20 21.17
C TYR C 179 -55.46 10.21 21.16
N ASN C 180 -55.78 8.95 21.45
CA ASN C 180 -54.80 7.86 21.36
C ASN C 180 -54.74 7.23 19.98
N TYR C 181 -55.61 7.63 19.05
CA TYR C 181 -55.60 7.05 17.71
C TYR C 181 -54.38 7.48 16.90
N TYR C 182 -53.81 8.65 17.20
CA TYR C 182 -52.62 9.09 16.47
C TYR C 182 -51.38 8.33 16.91
N ALA C 183 -51.38 7.83 18.15
CA ALA C 183 -50.19 7.19 18.71
C ALA C 183 -49.74 6.00 17.86
N THR C 184 -50.68 5.13 17.49
CA THR C 184 -50.34 3.95 16.70
C THR C 184 -49.75 4.32 15.36
N LEU C 185 -50.49 5.10 14.55
CA LEU C 185 -50.06 5.42 13.19
C LEU C 185 -48.71 6.14 13.18
N LEU C 186 -48.56 7.14 14.05
CA LEU C 186 -47.34 7.92 14.03
C LEU C 186 -46.17 7.12 14.61
N THR C 187 -46.45 6.17 15.52
CA THR C 187 -45.39 5.31 16.01
C THR C 187 -44.90 4.36 14.93
N LEU C 188 -45.82 3.81 14.12
CA LEU C 188 -45.36 2.98 13.00
C LEU C 188 -44.57 3.80 11.99
N LEU C 189 -44.95 5.06 11.77
CA LEU C 189 -44.16 5.90 10.88
C LEU C 189 -42.75 6.12 11.42
N ILE C 190 -42.62 6.39 12.73
CA ILE C 190 -41.31 6.56 13.34
C ILE C 190 -40.50 5.28 13.23
N ALA C 191 -41.14 4.13 13.49
CA ALA C 191 -40.43 2.86 13.42
C ALA C 191 -39.97 2.56 12.00
N VAL C 192 -40.79 2.90 11.01
CA VAL C 192 -40.41 2.69 9.61
C VAL C 192 -39.17 3.53 9.28
N ILE C 193 -39.18 4.81 9.69
CA ILE C 193 -38.04 5.69 9.40
C ILE C 193 -36.78 5.16 10.05
N VAL C 194 -36.87 4.77 11.34
CA VAL C 194 -35.71 4.30 12.06
C VAL C 194 -35.17 3.01 11.44
N PHE C 195 -36.07 2.09 11.08
CA PHE C 195 -35.66 0.82 10.48
C PHE C 195 -34.92 1.05 9.17
N GLY C 196 -35.50 1.85 8.28
CA GLY C 196 -34.86 2.08 6.99
C GLY C 196 -33.50 2.75 7.10
N ASN C 197 -33.42 3.82 7.90
CA ASN C 197 -32.15 4.55 7.99
C ASN C 197 -31.09 3.74 8.71
N VAL C 198 -31.48 2.96 9.73
CA VAL C 198 -30.52 2.11 10.42
C VAL C 198 -29.99 1.04 9.48
N LEU C 199 -30.86 0.47 8.63
CA LEU C 199 -30.38 -0.52 7.68
C LEU C 199 -29.43 0.10 6.67
N VAL C 200 -29.70 1.34 6.22
CA VAL C 200 -28.78 1.99 5.29
C VAL C 200 -27.41 2.21 5.95
N CYS C 201 -27.41 2.68 7.20
CA CYS C 201 -26.15 2.91 7.90
C CYS C 201 -25.38 1.62 8.12
N MET C 202 -26.08 0.56 8.56
CA MET C 202 -25.41 -0.72 8.79
C MET C 202 -24.87 -1.31 7.50
N ALA C 203 -25.62 -1.16 6.40
CA ALA C 203 -25.18 -1.66 5.12
C ALA C 203 -23.91 -0.96 4.65
N VAL C 204 -23.88 0.38 4.76
CA VAL C 204 -22.70 1.11 4.31
C VAL C 204 -21.51 0.81 5.20
N SER C 205 -21.73 0.65 6.51
CA SER C 205 -20.62 0.38 7.41
C SER C 205 -20.03 -1.01 7.18
N ARG C 206 -20.90 -2.01 6.97
CA ARG C 206 -20.43 -3.40 6.94
C ARG C 206 -19.71 -3.76 5.64
N GLU C 207 -20.20 -3.32 4.49
CA GLU C 207 -19.69 -3.77 3.19
C GLU C 207 -18.59 -2.84 2.72
N LYS C 208 -17.43 -3.42 2.41
CA LYS C 208 -16.27 -2.62 2.00
C LYS C 208 -16.46 -2.04 0.61
N ALA C 209 -17.16 -2.77 -0.26
CA ALA C 209 -17.46 -2.23 -1.60
C ALA C 209 -18.37 -1.02 -1.52
N LEU C 210 -19.22 -0.94 -0.49
CA LEU C 210 -20.17 0.15 -0.36
C LEU C 210 -19.54 1.41 0.23
N GLN C 211 -18.35 1.33 0.82
CA GLN C 211 -17.69 2.49 1.41
C GLN C 211 -17.10 3.37 0.31
N THR C 212 -17.95 4.25 -0.21
CA THR C 212 -17.57 5.27 -1.17
C THR C 212 -18.14 6.61 -0.70
N THR C 213 -17.75 7.68 -1.41
CA THR C 213 -18.07 9.02 -0.92
C THR C 213 -19.53 9.38 -1.19
N THR C 214 -20.09 8.96 -2.33
CA THR C 214 -21.51 9.17 -2.58
C THR C 214 -22.35 8.42 -1.55
N ASN C 215 -21.93 7.21 -1.19
CA ASN C 215 -22.64 6.47 -0.16
C ASN C 215 -22.46 7.14 1.20
N TYR C 216 -21.38 7.90 1.39
CA TYR C 216 -21.24 8.67 2.63
C TYR C 216 -22.20 9.86 2.65
N LEU C 217 -22.45 10.48 1.49
CA LEU C 217 -23.52 11.47 1.43
C LEU C 217 -24.87 10.85 1.73
N ILE C 218 -25.10 9.64 1.24
CA ILE C 218 -26.34 8.93 1.55
C ILE C 218 -26.42 8.64 3.04
N VAL C 219 -25.29 8.31 3.67
CA VAL C 219 -25.28 8.07 5.11
C VAL C 219 -25.59 9.35 5.86
N SER C 220 -25.11 10.49 5.36
CA SER C 220 -25.43 11.77 5.97
C SER C 220 -26.94 12.04 5.91
N LEU C 221 -27.55 11.77 4.75
CA LEU C 221 -29.01 11.89 4.63
C LEU C 221 -29.72 10.95 5.59
N ALA C 222 -29.23 9.72 5.71
CA ALA C 222 -29.84 8.75 6.60
C ALA C 222 -29.71 9.18 8.06
N VAL C 223 -28.58 9.78 8.42
CA VAL C 223 -28.41 10.29 9.78
C VAL C 223 -29.39 11.42 10.05
N ALA C 224 -29.58 12.32 9.07
CA ALA C 224 -30.55 13.39 9.24
C ALA C 224 -31.96 12.83 9.45
N ASP C 225 -32.35 11.85 8.63
CA ASP C 225 -33.67 11.23 8.77
C ASP C 225 -33.80 10.51 10.11
N LEU C 226 -32.76 9.81 10.53
CA LEU C 226 -32.80 9.09 11.80
C LEU C 226 -32.93 10.06 12.97
N LEU C 227 -32.24 11.20 12.89
CA LEU C 227 -32.36 12.19 13.96
C LEU C 227 -33.75 12.83 13.98
N VAL C 228 -34.34 13.05 12.79
CA VAL C 228 -35.73 13.49 12.73
C VAL C 228 -36.62 12.50 13.47
N ALA C 229 -36.47 11.21 13.17
CA ALA C 229 -37.35 10.21 13.76
C ALA C 229 -37.13 10.07 15.26
N THR C 230 -35.88 10.21 15.73
CA THR C 230 -35.58 9.91 17.13
C THR C 230 -35.83 11.10 18.04
N LEU C 231 -35.41 12.31 17.63
CA LEU C 231 -35.52 13.49 18.48
C LEU C 231 -36.80 14.27 18.22
N VAL C 232 -37.09 14.59 16.96
CA VAL C 232 -38.13 15.57 16.65
C VAL C 232 -39.52 14.95 16.79
N MET C 233 -39.79 13.91 16.01
CA MET C 233 -41.13 13.31 15.87
C MET C 233 -41.80 12.86 17.17
N PRO C 234 -41.09 12.29 18.16
CA PRO C 234 -41.80 11.87 19.39
C PRO C 234 -42.55 13.00 20.10
N TRP C 235 -42.00 14.21 20.10
CA TRP C 235 -42.73 15.34 20.69
C TRP C 235 -43.85 15.83 19.76
N VAL C 236 -43.72 15.60 18.46
CA VAL C 236 -44.82 15.91 17.56
C VAL C 236 -46.00 14.97 17.84
N VAL C 237 -45.70 13.72 18.17
CA VAL C 237 -46.75 12.78 18.58
C VAL C 237 -47.40 13.27 19.87
N TYR C 238 -46.59 13.80 20.80
CA TYR C 238 -47.11 14.32 22.06
C TYR C 238 -48.07 15.48 21.79
N LEU C 239 -47.71 16.36 20.86
CA LEU C 239 -48.58 17.48 20.53
C LEU C 239 -49.92 17.01 19.96
N GLU C 240 -49.88 16.00 19.09
CA GLU C 240 -51.13 15.46 18.54
C GLU C 240 -51.99 14.82 19.63
N VAL C 241 -51.37 14.06 20.52
CA VAL C 241 -52.14 13.33 21.52
C VAL C 241 -52.70 14.29 22.56
N VAL C 242 -51.83 14.98 23.30
CA VAL C 242 -52.28 15.81 24.41
C VAL C 242 -52.99 17.06 23.89
N GLY C 243 -52.50 17.63 22.80
CA GLY C 243 -53.04 18.87 22.26
C GLY C 243 -52.50 20.13 22.87
N GLU C 244 -51.67 20.03 23.90
CA GLU C 244 -51.10 21.20 24.57
C GLU C 244 -49.73 20.83 25.13
N TRP C 245 -48.88 21.85 25.31
CA TRP C 245 -47.51 21.68 25.75
C TRP C 245 -47.45 21.78 27.27
N LYS C 246 -47.13 20.67 27.93
CA LYS C 246 -47.03 20.59 29.38
C LYS C 246 -45.59 20.34 29.83
N PHE C 247 -44.63 20.99 29.19
CA PHE C 247 -43.22 20.90 29.55
C PHE C 247 -42.66 22.32 29.49
N SER C 248 -41.36 22.47 29.74
CA SER C 248 -40.76 23.79 29.89
C SER C 248 -40.77 24.56 28.57
N ARG C 249 -40.60 25.88 28.67
CA ARG C 249 -40.58 26.73 27.48
C ARG C 249 -39.27 26.58 26.73
N ILE C 250 -38.16 26.42 27.48
CA ILE C 250 -36.88 26.17 26.84
C ILE C 250 -36.92 24.82 26.13
N HIS C 251 -37.62 23.85 26.73
CA HIS C 251 -37.85 22.57 26.06
C HIS C 251 -38.55 22.76 24.73
N CYS C 252 -39.55 23.65 24.68
CA CYS C 252 -40.23 23.94 23.43
C CYS C 252 -39.27 24.58 22.43
N ASP C 253 -38.38 25.44 22.90
CA ASP C 253 -37.39 26.06 22.01
C ASP C 253 -36.47 25.02 21.40
N ILE C 254 -35.99 24.07 22.22
CA ILE C 254 -35.15 22.99 21.71
C ILE C 254 -35.94 22.16 20.70
N PHE C 255 -37.21 21.90 20.98
CA PHE C 255 -38.01 21.10 20.06
C PHE C 255 -38.14 21.77 18.69
N VAL C 256 -38.48 23.05 18.66
CA VAL C 256 -38.70 23.71 17.37
C VAL C 256 -37.39 23.87 16.62
N THR C 257 -36.30 24.19 17.32
CA THR C 257 -35.05 24.37 16.59
C THR C 257 -34.50 23.05 16.08
N LEU C 258 -34.73 21.95 16.82
CA LEU C 258 -34.34 20.64 16.32
C LEU C 258 -35.17 20.25 15.10
N ASP C 259 -36.47 20.53 15.13
CA ASP C 259 -37.32 20.27 13.97
C ASP C 259 -36.79 20.97 12.72
N VAL C 260 -36.55 22.28 12.85
CA VAL C 260 -36.05 23.06 11.71
C VAL C 260 -34.69 22.55 11.27
N MET C 261 -33.80 22.26 12.23
CA MET C 261 -32.42 21.91 11.89
C MET C 261 -32.37 20.58 11.15
N MET C 262 -33.04 19.56 11.68
CA MET C 262 -32.94 18.25 11.07
C MET C 262 -33.67 18.19 9.73
N CYS C 263 -34.82 18.87 9.61
CA CYS C 263 -35.48 18.90 8.31
C CYS C 263 -34.65 19.65 7.26
N THR C 264 -34.04 20.77 7.66
CA THR C 264 -33.15 21.49 6.76
C THR C 264 -31.95 20.64 6.38
N ALA C 265 -31.42 19.87 7.33
CA ALA C 265 -30.28 19.00 7.04
C ALA C 265 -30.65 17.93 6.03
N SER C 266 -31.86 17.35 6.16
CA SER C 266 -32.31 16.38 5.17
C SER C 266 -32.43 17.00 3.79
N ILE C 267 -33.04 18.18 3.70
CA ILE C 267 -33.22 18.84 2.40
C ILE C 267 -31.87 19.19 1.78
N LEU C 268 -30.94 19.70 2.59
CA LEU C 268 -29.64 20.08 2.06
C LEU C 268 -28.81 18.86 1.70
N ASN C 269 -29.02 17.73 2.39
CA ASN C 269 -28.39 16.49 1.97
C ASN C 269 -28.91 16.04 0.61
N LEU C 270 -30.21 16.21 0.36
CA LEU C 270 -30.74 15.90 -0.97
C LEU C 270 -30.09 16.78 -2.04
N CYS C 271 -29.94 18.07 -1.76
CA CYS C 271 -29.27 18.96 -2.70
C CYS C 271 -27.81 18.55 -2.92
N ALA C 272 -27.12 18.14 -1.85
CA ALA C 272 -25.73 17.70 -1.97
C ALA C 272 -25.62 16.45 -2.81
N ILE C 273 -26.54 15.49 -2.63
CA ILE C 273 -26.54 14.28 -3.45
C ILE C 273 -26.76 14.64 -4.92
N SER C 274 -27.64 15.61 -5.17
CA SER C 274 -27.84 16.07 -6.54
C SER C 274 -26.56 16.64 -7.13
N ILE C 275 -25.84 17.47 -6.36
CA ILE C 275 -24.61 18.07 -6.86
C ILE C 275 -23.54 17.01 -7.09
N ASP C 276 -23.49 16.00 -6.22
CA ASP C 276 -22.53 14.90 -6.41
C ASP C 276 -22.83 14.11 -7.68
N ARG C 277 -24.10 13.81 -7.92
CA ARG C 277 -24.47 13.11 -9.14
C ARG C 277 -24.18 13.95 -10.38
N TYR C 278 -24.31 15.28 -10.26
CA TYR C 278 -23.89 16.13 -11.36
C TYR C 278 -22.39 16.06 -11.60
N THR C 279 -21.61 16.01 -10.51
CA THR C 279 -20.17 15.90 -10.66
C THR C 279 -19.79 14.59 -11.34
N ALA C 280 -20.56 13.53 -11.08
CA ALA C 280 -20.29 12.24 -11.72
C ALA C 280 -20.42 12.34 -13.24
N VAL C 281 -21.39 13.11 -13.73
CA VAL C 281 -21.69 13.14 -15.16
C VAL C 281 -20.87 14.22 -15.86
N ALA C 282 -20.87 15.44 -15.33
CA ALA C 282 -20.22 16.57 -15.99
C ALA C 282 -18.75 16.71 -15.65
N MET C 283 -18.27 16.04 -14.60
CA MET C 283 -16.84 16.03 -14.22
C MET C 283 -16.43 14.58 -13.95
N PRO C 284 -16.41 13.73 -14.98
CA PRO C 284 -16.11 12.32 -14.74
C PRO C 284 -14.71 12.05 -14.23
N MET C 285 -13.73 12.82 -14.69
CA MET C 285 -12.34 12.59 -14.27
C MET C 285 -12.10 13.03 -12.84
N LEU C 286 -12.63 14.20 -12.46
CA LEU C 286 -12.48 14.67 -11.09
C LEU C 286 -13.25 13.78 -10.11
N TYR C 287 -14.40 13.26 -10.55
CA TYR C 287 -15.17 12.37 -9.69
C TYR C 287 -14.40 11.09 -9.38
N ASN C 288 -13.66 10.58 -10.35
CA ASN C 288 -12.95 9.31 -10.17
C ASN C 288 -11.78 9.47 -9.20
N THR C 289 -11.17 10.66 -9.17
CA THR C 289 -10.02 10.89 -8.28
C THR C 289 -10.45 10.80 -6.82
N ARG C 290 -9.75 9.98 -6.04
CA ARG C 290 -10.13 9.77 -4.65
C ARG C 290 -9.77 10.96 -3.78
N TYR C 291 -8.58 11.52 -3.97
CA TYR C 291 -8.11 12.61 -3.11
C TYR C 291 -8.98 13.85 -3.23
N SER C 292 -9.39 14.19 -4.46
CA SER C 292 -10.25 15.36 -4.65
C SER C 292 -11.68 15.07 -4.21
N SER C 293 -12.15 13.84 -4.44
CA SER C 293 -13.53 13.50 -4.09
C SER C 293 -13.74 13.50 -2.59
N LYS C 294 -12.74 13.02 -1.85
CA LYS C 294 -12.83 13.03 -0.37
C LYS C 294 -13.01 14.48 0.11
N ARG C 295 -12.16 15.39 -0.37
CA ARG C 295 -12.24 16.79 0.04
C ARG C 295 -13.57 17.40 -0.34
N ARG C 296 -14.05 17.11 -1.56
CA ARG C 296 -15.36 17.61 -1.98
C ARG C 296 -16.47 17.16 -1.05
N VAL C 297 -16.53 15.87 -0.76
CA VAL C 297 -17.66 15.35 0.01
C VAL C 297 -17.57 15.75 1.47
N THR C 298 -16.34 15.84 2.00
CA THR C 298 -16.18 16.29 3.41
C THR C 298 -16.60 17.74 3.52
N VAL C 299 -16.28 18.57 2.51
CA VAL C 299 -16.69 19.96 2.52
C VAL C 299 -18.21 20.08 2.39
N MET C 300 -18.82 19.26 1.52
CA MET C 300 -20.27 19.34 1.32
C MET C 300 -21.02 18.92 2.59
N ILE C 301 -20.58 17.83 3.23
CA ILE C 301 -21.24 17.37 4.46
C ILE C 301 -21.12 18.43 5.54
N SER C 302 -19.91 19.00 5.70
CA SER C 302 -19.71 20.05 6.70
C SER C 302 -20.59 21.25 6.41
N ILE C 303 -20.68 21.67 5.15
CA ILE C 303 -21.46 22.86 4.81
C ILE C 303 -22.94 22.62 5.07
N VAL C 304 -23.48 21.46 4.68
CA VAL C 304 -24.93 21.26 4.88
C VAL C 304 -25.26 21.22 6.36
N TRP C 305 -24.45 20.53 7.17
CA TRP C 305 -24.79 20.46 8.60
C TRP C 305 -24.61 21.82 9.28
N VAL C 306 -23.55 22.55 8.95
CA VAL C 306 -23.35 23.86 9.55
C VAL C 306 -24.44 24.83 9.12
N LEU C 307 -24.84 24.79 7.85
CA LEU C 307 -25.87 25.70 7.37
C LEU C 307 -27.23 25.39 8.00
N SER C 308 -27.54 24.11 8.19
CA SER C 308 -28.78 23.76 8.87
C SER C 308 -28.77 24.27 10.31
N PHE C 309 -27.63 24.11 11.01
CA PHE C 309 -27.53 24.63 12.37
C PHE C 309 -27.68 26.15 12.40
N THR C 310 -27.05 26.85 11.46
CA THR C 310 -27.10 28.31 11.47
C THR C 310 -28.49 28.82 11.10
N ILE C 311 -29.20 28.10 10.24
CA ILE C 311 -30.58 28.47 9.93
C ILE C 311 -31.46 28.29 11.17
N SER C 312 -31.26 27.19 11.90
CA SER C 312 -32.16 26.89 13.00
C SER C 312 -31.82 27.67 14.28
N CYS C 313 -30.60 28.21 14.38
CA CYS C 313 -30.16 28.77 15.65
C CYS C 313 -30.96 29.96 16.20
N PRO C 314 -31.57 30.86 15.40
CA PRO C 314 -32.27 32.00 16.03
C PRO C 314 -33.45 31.60 16.91
N LEU C 315 -34.02 30.41 16.71
CA LEU C 315 -35.12 29.98 17.56
C LEU C 315 -34.66 29.73 18.98
N LEU C 316 -33.39 29.34 19.16
CA LEU C 316 -32.85 29.16 20.51
C LEU C 316 -32.79 30.47 21.28
N PHE C 317 -32.76 31.61 20.60
CA PHE C 317 -32.61 32.91 21.22
C PHE C 317 -33.93 33.50 21.69
N GLY C 318 -34.98 32.70 21.78
CA GLY C 318 -36.29 33.23 22.14
C GLY C 318 -36.92 34.07 21.04
N LEU C 319 -36.47 33.88 19.79
CA LEU C 319 -37.09 34.59 18.68
C LEU C 319 -38.51 34.09 18.44
N ASN C 320 -38.76 32.82 18.74
CA ASN C 320 -40.12 32.28 18.71
C ASN C 320 -40.95 32.92 19.82
N ASN C 321 -42.24 33.13 19.52
CA ASN C 321 -43.19 33.77 20.42
C ASN C 321 -44.30 32.83 20.88
N ALA C 322 -43.96 31.59 21.23
CA ALA C 322 -44.96 30.62 21.66
C ALA C 322 -45.55 31.03 23.01
N ASP C 323 -46.82 30.65 23.22
CA ASP C 323 -47.48 30.90 24.49
C ASP C 323 -47.13 29.79 25.48
N GLN C 324 -47.59 29.98 26.72
CA GLN C 324 -47.29 29.00 27.77
C GLN C 324 -47.94 27.66 27.47
N ASN C 325 -49.17 27.67 26.94
CA ASN C 325 -49.88 26.41 26.73
C ASN C 325 -49.37 25.68 25.49
N GLU C 326 -49.06 26.40 24.42
CA GLU C 326 -48.80 25.83 23.11
C GLU C 326 -47.34 26.01 22.71
N CYS C 327 -46.82 25.07 21.95
CA CYS C 327 -45.47 25.12 21.40
C CYS C 327 -45.54 25.20 19.88
N ILE C 328 -45.50 26.42 19.35
CA ILE C 328 -45.60 26.66 17.91
C ILE C 328 -44.65 27.81 17.54
N ILE C 329 -44.44 28.01 16.25
CA ILE C 329 -43.60 29.08 15.72
C ILE C 329 -44.53 30.19 15.23
N ALA C 330 -44.47 31.34 15.90
CA ALA C 330 -45.39 32.45 15.68
C ALA C 330 -44.73 33.68 15.05
N ASN C 331 -43.56 33.51 14.42
CA ASN C 331 -42.85 34.62 13.79
C ASN C 331 -43.01 34.53 12.28
N PRO C 332 -43.84 35.36 11.64
CA PRO C 332 -43.90 35.30 10.16
C PRO C 332 -42.58 35.63 9.47
N ALA C 333 -41.84 36.61 9.99
CA ALA C 333 -40.60 37.03 9.33
C ALA C 333 -39.57 35.91 9.32
N PHE C 334 -39.37 35.25 10.47
CA PHE C 334 -38.47 34.12 10.52
C PHE C 334 -38.98 32.98 9.65
N VAL C 335 -40.30 32.80 9.59
CA VAL C 335 -40.86 31.72 8.79
C VAL C 335 -40.49 31.92 7.32
N VAL C 336 -40.68 33.14 6.80
CA VAL C 336 -40.34 33.41 5.41
C VAL C 336 -38.83 33.28 5.19
N TYR C 337 -38.04 33.93 6.06
CA TYR C 337 -36.60 33.98 5.83
C TYR C 337 -35.96 32.59 5.93
N SER C 338 -36.41 31.77 6.89
CA SER C 338 -35.86 30.44 7.04
C SER C 338 -36.41 29.49 5.98
N SER C 339 -37.68 29.66 5.59
CA SER C 339 -38.26 28.81 4.55
C SER C 339 -37.51 28.98 3.24
N ILE C 340 -37.17 30.23 2.89
CA ILE C 340 -36.45 30.52 1.65
C ILE C 340 -35.14 29.75 1.62
N VAL C 341 -34.25 30.03 2.57
CA VAL C 341 -32.91 29.45 2.54
C VAL C 341 -32.96 27.95 2.77
N SER C 342 -33.93 27.46 3.54
CA SER C 342 -33.93 26.04 3.92
C SER C 342 -34.52 25.17 2.83
N PHE C 343 -35.51 25.68 2.08
CA PHE C 343 -36.22 24.88 1.07
C PHE C 343 -36.07 25.44 -0.33
N TYR C 344 -36.37 26.73 -0.55
CA TYR C 344 -36.63 27.19 -1.92
C TYR C 344 -35.37 27.17 -2.77
N VAL C 345 -34.28 27.77 -2.31
CA VAL C 345 -33.08 27.80 -3.14
C VAL C 345 -32.41 26.43 -3.19
N PRO C 346 -32.37 25.59 -2.13
CA PRO C 346 -31.95 24.20 -2.39
C PRO C 346 -32.90 23.46 -3.31
N PHE C 347 -34.20 23.76 -3.26
CA PHE C 347 -35.16 23.11 -4.16
C PHE C 347 -34.90 23.50 -5.62
N ILE C 348 -34.77 24.80 -5.90
CA ILE C 348 -34.50 25.25 -7.26
C ILE C 348 -33.17 24.70 -7.74
N VAL C 349 -32.16 24.69 -6.86
CA VAL C 349 -30.84 24.21 -7.27
C VAL C 349 -30.90 22.72 -7.60
N THR C 350 -31.58 21.93 -6.76
CA THR C 350 -31.70 20.50 -7.02
C THR C 350 -32.46 20.23 -8.31
N LEU C 351 -33.54 20.98 -8.56
CA LEU C 351 -34.31 20.81 -9.77
C LEU C 351 -33.48 21.11 -11.02
N LEU C 352 -32.82 22.27 -11.03
CA LEU C 352 -32.00 22.64 -12.18
C LEU C 352 -30.86 21.66 -12.38
N VAL C 353 -30.26 21.17 -11.29
CA VAL C 353 -29.15 20.24 -11.41
C VAL C 353 -29.63 18.92 -12.01
N TYR C 354 -30.79 18.42 -11.57
CA TYR C 354 -31.24 17.13 -12.07
C TYR C 354 -31.69 17.21 -13.52
N ILE C 355 -32.35 18.30 -13.92
CA ILE C 355 -32.71 18.41 -15.34
C ILE C 355 -31.47 18.63 -16.19
N LYS C 356 -30.44 19.26 -15.63
CA LYS C 356 -29.17 19.35 -16.35
C LYS C 356 -28.56 17.97 -16.57
N ILE C 357 -28.60 17.13 -15.53
CA ILE C 357 -28.11 15.75 -15.67
C ILE C 357 -28.92 15.01 -16.72
N TYR C 358 -30.24 15.22 -16.74
CA TYR C 358 -31.09 14.60 -17.74
C TYR C 358 -30.69 15.03 -19.15
N ILE C 359 -30.43 16.32 -19.34
CA ILE C 359 -30.06 16.83 -20.66
C ILE C 359 -28.72 16.25 -21.09
N VAL C 360 -27.77 16.13 -20.16
CA VAL C 360 -26.47 15.56 -20.52
C VAL C 360 -26.60 14.09 -20.88
N LEU C 361 -27.44 13.36 -20.13
CA LEU C 361 -27.68 11.95 -20.44
C LEU C 361 -28.29 11.80 -21.82
N ARG C 362 -29.26 12.65 -22.16
CA ARG C 362 -29.85 12.60 -23.50
C ARG C 362 -28.82 12.96 -24.56
N ARG C 363 -27.94 13.92 -24.26
CA ARG C 363 -26.91 14.30 -25.23
C ARG C 363 -25.97 13.15 -25.53
N ARG C 364 -25.52 12.41 -24.51
CA ARG C 364 -24.63 11.28 -24.78
C ARG C 364 -25.39 10.12 -25.43
N ARG C 365 -26.68 9.98 -25.11
CA ARG C 365 -27.50 8.97 -25.78
C ARG C 365 -27.64 9.28 -27.28
N LYS C 366 -27.73 10.56 -27.63
CA LYS C 366 -27.75 10.93 -29.04
C LYS C 366 -26.36 10.79 -29.67
N ARG C 367 -25.31 11.08 -28.90
CA ARG C 367 -23.96 11.01 -29.42
C ARG C 367 -23.57 9.58 -29.77
N VAL C 368 -23.93 8.62 -28.93
CA VAL C 368 -23.60 7.22 -29.21
C VAL C 368 -24.28 6.75 -30.50
N SER C 509 -29.94 -4.13 -22.06
CA SER C 509 -28.79 -3.33 -22.47
C SER C 509 -29.13 -1.84 -22.34
N GLN C 510 -29.96 -1.35 -23.25
CA GLN C 510 -30.42 0.04 -23.21
C GLN C 510 -31.42 0.30 -22.09
N GLN C 511 -31.90 -0.74 -21.40
CA GLN C 511 -32.87 -0.55 -20.31
C GLN C 511 -32.29 0.29 -19.18
N LYS C 512 -30.97 0.29 -19.01
CA LYS C 512 -30.34 1.11 -17.98
C LYS C 512 -30.54 2.59 -18.25
N GLU C 513 -30.59 2.99 -19.53
CA GLU C 513 -30.78 4.40 -19.86
C GLU C 513 -32.18 4.86 -19.46
N LYS C 514 -33.18 4.01 -19.63
CA LYS C 514 -34.52 4.33 -19.15
C LYS C 514 -34.58 4.26 -17.63
N LYS C 515 -33.78 3.36 -17.03
CA LYS C 515 -33.74 3.27 -15.58
C LYS C 515 -33.25 4.57 -14.96
N ALA C 516 -32.20 5.17 -15.55
CA ALA C 516 -31.68 6.42 -15.01
C ALA C 516 -32.74 7.52 -15.03
N THR C 517 -33.50 7.60 -16.12
CA THR C 517 -34.59 8.55 -16.21
C THR C 517 -35.63 8.28 -15.12
N GLN C 518 -35.94 7.00 -14.91
CA GLN C 518 -36.91 6.61 -13.86
C GLN C 518 -36.42 7.16 -12.52
N MET C 519 -35.18 6.83 -12.14
CA MET C 519 -34.67 7.28 -10.85
C MET C 519 -34.70 8.80 -10.69
N LEU C 520 -34.31 9.55 -11.73
CA LEU C 520 -34.38 11.00 -11.61
C LEU C 520 -35.81 11.48 -11.41
N ALA C 521 -36.75 10.91 -12.17
CA ALA C 521 -38.16 11.27 -12.01
C ALA C 521 -38.67 10.89 -10.63
N ILE C 522 -38.27 9.72 -10.10
CA ILE C 522 -38.77 9.28 -8.80
C ILE C 522 -38.26 10.20 -7.69
N VAL C 523 -36.94 10.49 -7.67
CA VAL C 523 -36.41 11.31 -6.58
C VAL C 523 -36.99 12.72 -6.65
N LEU C 524 -37.09 13.29 -7.86
CA LEU C 524 -37.71 14.61 -7.98
C LEU C 524 -39.17 14.58 -7.54
N GLY C 525 -39.94 13.57 -7.97
CA GLY C 525 -41.35 13.54 -7.63
C GLY C 525 -41.59 13.37 -6.15
N VAL C 526 -40.82 12.51 -5.49
CA VAL C 526 -40.94 12.35 -4.05
C VAL C 526 -40.61 13.66 -3.34
N PHE C 527 -39.54 14.34 -3.76
CA PHE C 527 -39.16 15.57 -3.09
C PHE C 527 -40.18 16.68 -3.33
N ILE C 528 -40.76 16.76 -4.53
CA ILE C 528 -41.81 17.74 -4.80
C ILE C 528 -43.03 17.46 -3.94
N ILE C 529 -43.51 16.23 -3.94
CA ILE C 529 -44.80 15.93 -3.31
C ILE C 529 -44.70 16.07 -1.79
N CYS C 530 -43.58 15.63 -1.21
CA CYS C 530 -43.53 15.57 0.25
C CYS C 530 -43.37 16.94 0.90
N TRP C 531 -42.50 17.80 0.34
CA TRP C 531 -42.13 19.06 1.00
C TRP C 531 -42.76 20.31 0.39
N LEU C 532 -43.05 20.33 -0.90
CA LEU C 532 -43.61 21.54 -1.51
C LEU C 532 -44.95 21.99 -0.92
N PRO C 533 -45.94 21.12 -0.67
CA PRO C 533 -47.22 21.64 -0.13
C PRO C 533 -47.08 22.31 1.22
N PHE C 534 -46.22 21.80 2.11
CA PHE C 534 -46.03 22.42 3.41
C PHE C 534 -45.48 23.84 3.28
N PHE C 535 -44.40 24.01 2.52
CA PHE C 535 -43.78 25.33 2.44
C PHE C 535 -44.65 26.30 1.66
N ILE C 536 -45.31 25.85 0.60
CA ILE C 536 -46.18 26.77 -0.15
C ILE C 536 -47.37 27.18 0.72
N THR C 537 -47.87 26.25 1.54
CA THR C 537 -48.94 26.61 2.48
C THR C 537 -48.45 27.65 3.48
N HIS C 538 -47.21 27.52 3.96
CA HIS C 538 -46.68 28.51 4.88
C HIS C 538 -46.58 29.89 4.22
N ILE C 539 -46.06 29.96 3.00
CA ILE C 539 -45.94 31.27 2.35
C ILE C 539 -47.32 31.87 2.09
N LEU C 540 -48.29 31.04 1.66
CA LEU C 540 -49.63 31.57 1.44
C LEU C 540 -50.27 32.05 2.73
N ASN C 541 -50.04 31.32 3.83
CA ASN C 541 -50.62 31.73 5.10
C ASN C 541 -50.02 33.05 5.58
N ILE C 542 -48.69 33.20 5.46
CA ILE C 542 -48.03 34.37 6.03
C ILE C 542 -48.19 35.58 5.11
N HIS C 543 -48.37 35.37 3.81
CA HIS C 543 -48.92 36.39 2.91
C HIS C 543 -49.98 35.79 2.02
N ASN C 547 -57.90 32.10 4.61
CA ASN C 547 -57.72 31.04 5.60
C ASN C 547 -57.82 29.67 4.94
N ILE C 548 -57.16 28.68 5.54
CA ILE C 548 -57.14 27.31 5.04
C ILE C 548 -57.33 26.40 6.27
N PRO C 549 -58.05 25.27 6.20
CA PRO C 549 -58.33 24.49 7.43
C PRO C 549 -57.07 23.94 8.08
N PRO C 550 -57.14 23.54 9.36
CA PRO C 550 -55.90 23.09 10.03
C PRO C 550 -55.55 21.63 9.83
N VAL C 551 -56.53 20.78 9.49
CA VAL C 551 -56.25 19.35 9.40
C VAL C 551 -55.34 19.07 8.21
N LEU C 552 -55.56 19.76 7.09
CA LEU C 552 -54.67 19.60 5.95
C LEU C 552 -53.30 20.22 6.23
N TYR C 553 -53.25 21.27 7.06
CA TYR C 553 -51.96 21.81 7.49
C TYR C 553 -51.17 20.77 8.26
N SER C 554 -51.83 20.07 9.19
CA SER C 554 -51.16 19.00 9.92
C SER C 554 -50.72 17.89 8.97
N ALA C 555 -51.60 17.50 8.05
CA ALA C 555 -51.25 16.44 7.09
C ALA C 555 -50.08 16.85 6.22
N PHE C 556 -50.00 18.12 5.84
CA PHE C 556 -48.89 18.61 5.03
C PHE C 556 -47.58 18.53 5.81
N THR C 557 -47.63 18.83 7.12
CA THR C 557 -46.44 18.65 7.95
C THR C 557 -46.03 17.18 8.03
N TRP C 558 -47.01 16.30 8.21
CA TRP C 558 -46.72 14.87 8.30
C TRP C 558 -46.19 14.33 6.98
N LEU C 559 -46.56 14.96 5.87
CA LEU C 559 -45.99 14.58 4.57
C LEU C 559 -44.49 14.87 4.53
N GLY C 560 -44.10 16.04 5.03
CA GLY C 560 -42.68 16.35 5.13
C GLY C 560 -41.93 15.37 6.02
N TYR C 561 -42.58 14.92 7.10
CA TYR C 561 -41.95 13.88 7.92
C TYR C 561 -41.86 12.55 7.15
N VAL C 562 -42.85 12.26 6.31
CA VAL C 562 -42.85 11.02 5.53
C VAL C 562 -41.74 11.02 4.49
N ASN C 563 -41.28 12.22 4.10
CA ASN C 563 -40.09 12.31 3.25
C ASN C 563 -38.91 11.53 3.83
N SER C 564 -38.71 11.62 5.15
CA SER C 564 -37.64 10.89 5.80
C SER C 564 -37.86 9.38 5.72
N ALA C 565 -39.12 8.94 5.77
CA ALA C 565 -39.41 7.52 5.64
C ALA C 565 -39.06 7.01 4.25
N VAL C 566 -39.41 7.78 3.21
CA VAL C 566 -39.26 7.28 1.84
C VAL C 566 -37.85 7.46 1.29
N ASN C 567 -37.07 8.43 1.79
CA ASN C 567 -35.73 8.64 1.27
C ASN C 567 -34.81 7.42 1.29
N PRO C 568 -34.67 6.66 2.39
CA PRO C 568 -33.78 5.49 2.33
C PRO C 568 -34.24 4.40 1.39
N ILE C 569 -35.53 4.38 1.04
CA ILE C 569 -36.00 3.44 0.03
C ILE C 569 -35.56 3.88 -1.36
N ILE C 570 -35.89 5.11 -1.74
CA ILE C 570 -35.64 5.54 -3.11
C ILE C 570 -34.15 5.71 -3.40
N TYR C 571 -33.34 6.01 -2.37
CA TYR C 571 -31.92 6.28 -2.59
C TYR C 571 -31.02 5.05 -2.45
N THR C 572 -31.53 3.91 -1.97
CA THR C 572 -30.74 2.70 -1.82
C THR C 572 -31.38 1.43 -2.38
N THR C 573 -32.70 1.26 -2.27
CA THR C 573 -33.30 -0.04 -2.58
C THR C 573 -33.28 -0.37 -4.07
N PHE C 574 -33.05 0.60 -4.93
CA PHE C 574 -32.91 0.31 -6.36
C PHE C 574 -31.50 -0.14 -6.70
N ASN C 575 -30.50 0.38 -5.99
CA ASN C 575 -29.12 0.02 -6.28
C ASN C 575 -28.86 -1.42 -5.87
N ILE C 576 -28.10 -2.15 -6.69
CA ILE C 576 -28.01 -3.60 -6.53
C ILE C 576 -27.09 -3.95 -5.35
N GLU C 577 -25.98 -3.22 -5.22
CA GLU C 577 -25.04 -3.50 -4.12
C GLU C 577 -25.69 -3.25 -2.78
N PHE C 578 -26.59 -2.26 -2.70
CA PHE C 578 -27.34 -2.05 -1.47
C PHE C 578 -28.31 -3.19 -1.22
N ARG C 579 -28.92 -3.74 -2.28
CA ARG C 579 -29.82 -4.88 -2.10
C ARG C 579 -29.07 -6.08 -1.53
N LYS C 580 -27.85 -6.32 -2.01
CA LYS C 580 -27.08 -7.45 -1.49
C LYS C 580 -26.78 -7.28 0.00
N ALA C 581 -26.42 -6.07 0.41
CA ALA C 581 -26.15 -5.82 1.83
C ALA C 581 -27.43 -5.97 2.66
N PHE C 582 -28.56 -5.48 2.15
CA PHE C 582 -29.81 -5.60 2.90
C PHE C 582 -30.23 -7.05 3.04
N LEU C 583 -30.02 -7.86 1.99
CA LEU C 583 -30.28 -9.29 2.10
C LEU C 583 -29.34 -9.95 3.10
N LYS C 584 -28.08 -9.54 3.11
CA LYS C 584 -27.09 -10.16 4.00
C LYS C 584 -27.21 -9.62 5.43
N ASP D 1 33.36 12.59 -2.70
CA ASP D 1 33.54 12.34 -1.24
C ASP D 1 32.71 13.31 -0.41
N VAL D 2 32.47 12.95 0.85
CA VAL D 2 31.71 13.81 1.75
C VAL D 2 32.58 14.99 2.15
N GLN D 3 32.01 16.19 2.06
CA GLN D 3 32.73 17.43 2.35
C GLN D 3 31.78 18.41 3.04
N LEU D 4 32.26 19.00 4.14
CA LEU D 4 31.59 20.11 4.81
C LEU D 4 32.63 21.20 5.03
N VAL D 5 32.48 22.32 4.31
CA VAL D 5 33.45 23.42 4.33
C VAL D 5 32.75 24.63 4.95
N GLU D 6 33.19 25.02 6.14
CA GLU D 6 32.67 26.21 6.81
C GLU D 6 33.45 27.44 6.39
N SER D 7 32.82 28.60 6.53
CA SER D 7 33.44 29.87 6.19
C SER D 7 32.79 30.98 6.98
N GLY D 8 33.48 32.12 7.05
CA GLY D 8 32.98 33.28 7.75
C GLY D 8 33.46 33.35 9.19
N GLY D 9 34.21 34.40 9.52
CA GLY D 9 34.67 34.61 10.87
C GLY D 9 36.11 35.11 10.85
N GLY D 10 36.67 35.24 12.06
CA GLY D 10 38.06 35.56 12.26
C GLY D 10 38.30 36.68 13.25
N LEU D 11 37.47 37.73 13.21
CA LEU D 11 37.61 38.85 14.13
C LEU D 11 36.34 39.68 14.08
N VAL D 12 35.71 39.86 15.24
CA VAL D 12 34.53 40.70 15.38
C VAL D 12 34.63 41.46 16.69
N GLN D 13 34.01 42.64 16.74
CA GLN D 13 33.97 43.44 17.96
C GLN D 13 32.81 42.98 18.84
N PRO D 14 32.82 43.23 20.18
CA PRO D 14 31.67 42.85 21.00
C PRO D 14 30.39 43.57 20.60
N GLY D 15 29.27 42.86 20.66
CA GLY D 15 27.99 43.41 20.25
C GLY D 15 27.76 43.39 18.76
N GLY D 16 28.73 42.90 17.98
CA GLY D 16 28.56 42.80 16.54
C GLY D 16 27.80 41.55 16.14
N SER D 17 27.64 41.41 14.83
CA SER D 17 26.93 40.28 14.24
C SER D 17 27.76 39.69 13.11
N ARG D 18 27.68 38.37 12.96
CA ARG D 18 28.37 37.66 11.90
C ARG D 18 27.55 36.45 11.50
N LYS D 19 27.63 36.10 10.21
CA LYS D 19 26.92 34.96 9.64
C LYS D 19 27.93 33.91 9.22
N LEU D 20 27.75 32.70 9.74
CA LEU D 20 28.56 31.54 9.39
C LEU D 20 27.82 30.71 8.34
N SER D 21 28.59 30.09 7.45
CA SER D 21 28.06 29.22 6.41
C SER D 21 28.73 27.85 6.50
N CYS D 22 28.10 26.87 5.86
CA CYS D 22 28.65 25.52 5.76
C CYS D 22 28.16 24.91 4.46
N SER D 23 29.06 24.77 3.49
CA SER D 23 28.73 24.27 2.15
C SER D 23 28.86 22.75 2.15
N ALA D 24 27.76 22.06 1.88
CA ALA D 24 27.74 20.61 1.79
C ALA D 24 28.06 20.15 0.37
N SER D 25 28.68 18.98 0.26
CA SER D 25 29.01 18.42 -1.03
C SER D 25 29.19 16.92 -0.89
N GLY D 26 28.77 16.17 -1.90
CA GLY D 26 29.01 14.75 -1.96
C GLY D 26 28.05 13.87 -1.18
N PHE D 27 26.89 14.40 -0.76
CA PHE D 27 25.91 13.59 -0.07
C PHE D 27 24.55 14.28 -0.18
N ALA D 28 23.50 13.51 0.11
CA ALA D 28 22.12 13.99 0.03
C ALA D 28 21.85 14.87 1.24
N PHE D 29 22.11 16.17 1.07
CA PHE D 29 22.11 17.12 2.19
C PHE D 29 20.72 17.25 2.82
N SER D 30 19.65 17.17 2.02
CA SER D 30 18.31 17.33 2.56
C SER D 30 17.93 16.20 3.50
N SER D 31 18.54 15.02 3.34
CA SER D 31 18.21 13.88 4.19
C SER D 31 18.82 13.97 5.58
N PHE D 32 19.83 14.80 5.80
CA PHE D 32 20.56 14.87 7.06
C PHE D 32 20.06 16.04 7.90
N GLY D 33 19.96 15.80 9.20
CA GLY D 33 19.91 16.88 10.17
C GLY D 33 21.32 17.42 10.39
N MET D 34 21.39 18.72 10.70
CA MET D 34 22.65 19.42 10.85
C MET D 34 22.77 20.03 12.24
N HIS D 35 24.01 20.06 12.73
CA HIS D 35 24.36 20.59 14.04
C HIS D 35 25.46 21.63 13.89
N TRP D 36 25.54 22.52 14.88
CA TRP D 36 26.68 23.41 15.06
C TRP D 36 27.29 23.09 16.42
N VAL D 37 28.59 22.82 16.44
CA VAL D 37 29.36 22.54 17.65
C VAL D 37 30.58 23.43 17.63
N ARG D 38 30.90 24.04 18.78
CA ARG D 38 32.00 24.98 18.89
C ARG D 38 33.01 24.49 19.93
N GLN D 39 34.25 24.92 19.77
CA GLN D 39 35.35 24.57 20.65
C GLN D 39 36.15 25.84 20.95
N ALA D 40 36.13 26.26 22.21
CA ALA D 40 36.91 27.42 22.60
C ALA D 40 38.40 27.08 22.58
N PRO D 41 39.29 28.08 22.54
CA PRO D 41 40.73 27.77 22.53
C PRO D 41 41.15 27.08 23.82
N GLU D 42 41.81 25.92 23.67
CA GLU D 42 42.25 25.09 24.78
C GLU D 42 41.09 24.61 25.65
N LYS D 43 39.95 24.34 25.05
CA LYS D 43 38.75 23.86 25.76
C LYS D 43 38.10 22.75 24.94
N GLY D 44 37.06 22.15 25.51
CA GLY D 44 36.37 21.05 24.88
C GLY D 44 35.27 21.50 23.94
N LEU D 45 34.54 20.51 23.43
CA LEU D 45 33.46 20.74 22.48
C LEU D 45 32.19 21.14 23.22
N GLU D 46 31.34 21.92 22.57
CA GLU D 46 30.10 22.39 23.16
C GLU D 46 29.07 22.55 22.03
N TRP D 47 27.94 21.84 22.16
CA TRP D 47 26.90 21.91 21.15
C TRP D 47 26.21 23.27 21.18
N VAL D 48 25.89 23.78 19.99
CA VAL D 48 25.34 25.13 19.82
C VAL D 48 23.88 25.04 19.39
N ALA D 49 23.62 24.44 18.23
CA ALA D 49 22.28 24.45 17.64
C ALA D 49 22.09 23.21 16.77
N TYR D 50 20.82 22.91 16.48
CA TYR D 50 20.46 21.78 15.63
C TYR D 50 19.28 22.19 14.76
N ILE D 51 19.29 21.76 13.51
CA ILE D 51 18.14 21.88 12.61
C ILE D 51 17.94 20.53 11.93
N SER D 52 16.70 20.04 11.95
CA SER D 52 16.38 18.71 11.44
C SER D 52 16.21 18.73 9.93
N SER D 53 16.11 17.54 9.35
CA SER D 53 15.76 17.38 7.94
C SER D 53 14.37 17.94 7.71
N GLY D 54 14.25 18.89 6.79
CA GLY D 54 13.01 19.58 6.53
C GLY D 54 12.74 20.79 7.40
N SER D 55 13.63 21.08 8.37
CA SER D 55 13.53 22.26 9.22
C SER D 55 12.29 22.25 10.11
N GLY D 56 11.77 21.07 10.44
CA GLY D 56 10.61 20.96 11.30
C GLY D 56 10.93 21.14 12.77
N THR D 57 12.16 20.78 13.16
CA THR D 57 12.62 20.86 14.54
C THR D 57 13.90 21.68 14.59
N ILE D 58 13.96 22.65 15.50
CA ILE D 58 15.15 23.46 15.75
C ILE D 58 15.36 23.51 17.25
N TYR D 59 16.62 23.39 17.67
CA TYR D 59 17.01 23.50 19.07
C TYR D 59 18.24 24.39 19.17
N TYR D 60 18.41 25.02 20.34
CA TYR D 60 19.55 25.85 20.65
C TYR D 60 20.05 25.51 22.05
N ALA D 61 21.33 25.74 22.26
CA ALA D 61 21.88 25.66 23.61
C ALA D 61 21.43 26.88 24.42
N ASP D 62 21.47 26.73 25.75
CA ASP D 62 20.97 27.78 26.62
C ASP D 62 21.82 29.05 26.53
N THR D 63 23.12 28.91 26.31
CA THR D 63 24.03 30.05 26.24
C THR D 63 23.86 30.88 24.98
N VAL D 64 23.07 30.43 24.00
CA VAL D 64 22.92 31.10 22.72
C VAL D 64 21.46 31.34 22.33
N LYS D 65 20.50 30.98 23.19
CA LYS D 65 19.09 31.12 22.84
C LYS D 65 18.73 32.59 22.74
N GLY D 66 18.04 32.97 21.66
CA GLY D 66 17.64 34.33 21.40
C GLY D 66 18.65 35.13 20.60
N ARG D 67 19.94 34.84 20.77
CA ARG D 67 21.01 35.54 20.06
C ARG D 67 21.33 34.90 18.72
N PHE D 68 21.38 33.57 18.66
CA PHE D 68 21.83 32.84 17.48
C PHE D 68 20.62 32.32 16.72
N THR D 69 20.78 32.17 15.41
CA THR D 69 19.72 31.67 14.54
C THR D 69 20.30 30.70 13.52
N ILE D 70 19.82 29.46 13.56
CA ILE D 70 20.23 28.42 12.62
C ILE D 70 19.17 28.33 11.53
N SER D 71 19.62 28.32 10.27
CA SER D 71 18.72 28.20 9.13
C SER D 71 19.31 27.24 8.10
N ARG D 72 18.60 27.02 7.00
CA ARG D 72 18.91 25.94 6.07
C ARG D 72 18.46 26.29 4.67
N ASP D 73 19.26 25.93 3.66
CA ASP D 73 18.95 26.14 2.24
C ASP D 73 19.25 24.84 1.51
N ASP D 74 18.24 23.96 1.42
CA ASP D 74 18.45 22.66 0.80
C ASP D 74 18.79 22.74 -0.68
N PRO D 75 18.14 23.57 -1.52
CA PRO D 75 18.59 23.68 -2.92
C PRO D 75 20.02 24.15 -3.06
N LYS D 76 20.49 25.04 -2.18
CA LYS D 76 21.87 25.51 -2.20
C LYS D 76 22.83 24.59 -1.46
N ASN D 77 22.33 23.57 -0.76
CA ASN D 77 23.17 22.64 0.02
C ASN D 77 24.04 23.39 1.03
N THR D 78 23.44 24.40 1.67
CA THR D 78 24.14 25.28 2.60
C THR D 78 23.40 25.35 3.91
N LEU D 79 24.16 25.35 5.00
CA LEU D 79 23.67 25.58 6.36
C LEU D 79 24.22 26.91 6.84
N PHE D 80 23.43 27.62 7.66
CA PHE D 80 23.77 28.96 8.13
C PHE D 80 23.66 29.05 9.65
N LEU D 81 24.41 29.99 10.21
CA LEU D 81 24.29 30.35 11.63
C LEU D 81 24.46 31.86 11.73
N GLN D 82 23.35 32.57 11.91
CA GLN D 82 23.36 34.02 12.11
C GLN D 82 23.50 34.29 13.61
N MET D 83 24.58 34.98 13.99
CA MET D 83 24.87 35.31 15.38
C MET D 83 24.73 36.80 15.56
N THR D 84 24.07 37.21 16.64
CA THR D 84 23.91 38.61 17.01
C THR D 84 24.30 38.79 18.47
N SER D 85 24.73 40.00 18.80
CA SER D 85 25.16 40.36 20.15
C SER D 85 26.28 39.46 20.64
N LEU D 86 27.37 39.45 19.88
CA LEU D 86 28.48 38.55 20.17
C LEU D 86 29.18 38.97 21.45
N ARG D 87 29.62 37.97 22.22
CA ARG D 87 30.27 38.14 23.50
C ARG D 87 31.66 37.51 23.44
N SER D 88 32.46 37.77 24.48
CA SER D 88 33.78 37.16 24.57
C SER D 88 33.71 35.64 24.67
N GLU D 89 32.62 35.10 25.22
CA GLU D 89 32.45 33.67 25.35
C GLU D 89 32.17 32.96 24.02
N ASP D 90 31.89 33.71 22.95
CA ASP D 90 31.63 33.13 21.64
C ASP D 90 32.89 32.94 20.80
N THR D 91 34.07 33.24 21.34
CA THR D 91 35.31 32.96 20.63
C THR D 91 35.55 31.46 20.61
N ALA D 92 35.49 30.85 19.43
CA ALA D 92 35.61 29.40 19.32
C ALA D 92 35.79 29.02 17.86
N MET D 93 36.19 27.77 17.65
CA MET D 93 36.22 27.14 16.33
C MET D 93 34.87 26.45 16.13
N TYR D 94 34.07 26.97 15.21
CA TYR D 94 32.71 26.49 14.98
C TYR D 94 32.70 25.40 13.92
N TYR D 95 32.15 24.24 14.28
CA TYR D 95 32.13 23.05 13.44
C TYR D 95 30.73 22.79 12.90
N CYS D 96 30.69 22.22 11.70
CA CYS D 96 29.47 21.81 11.01
C CYS D 96 29.43 20.29 10.99
N VAL D 97 28.35 19.71 11.50
CA VAL D 97 28.21 18.26 11.66
C VAL D 97 26.89 17.81 11.07
N ARG D 98 26.94 16.75 10.25
CA ARG D 98 25.75 16.13 9.68
C ARG D 98 25.25 15.03 10.61
N SER D 99 23.94 14.80 10.62
CA SER D 99 23.33 13.75 11.39
C SER D 99 22.05 13.27 10.69
N ILE D 100 21.94 11.96 10.52
CA ILE D 100 20.75 11.32 9.98
C ILE D 100 20.23 10.35 11.03
N TYR D 101 18.91 10.34 11.21
CA TYR D 101 18.26 9.59 12.28
C TYR D 101 17.23 8.63 11.67
N TYR D 102 17.54 7.34 11.73
CA TYR D 102 16.57 6.28 11.52
C TYR D 102 17.06 5.08 12.30
N TYR D 103 16.33 3.96 12.19
CA TYR D 103 16.75 2.75 12.89
C TYR D 103 18.08 2.26 12.36
N GLY D 104 19.07 2.15 13.24
CA GLY D 104 20.39 1.69 12.86
C GLY D 104 21.28 2.71 12.18
N SER D 105 20.90 3.98 12.16
CA SER D 105 21.71 4.99 11.50
C SER D 105 22.92 5.37 12.36
N SER D 106 23.72 6.30 11.85
CA SER D 106 24.94 6.78 12.49
C SER D 106 24.90 8.31 12.58
N PRO D 107 24.33 8.89 13.63
CA PRO D 107 24.42 10.34 13.79
C PRO D 107 25.84 10.79 14.08
N PHE D 108 26.10 12.06 13.78
CA PHE D 108 27.38 12.72 14.06
C PHE D 108 28.55 12.02 13.36
N ASP D 109 28.30 11.43 12.20
CA ASP D 109 29.30 10.58 11.54
C ASP D 109 30.31 11.37 10.71
N PHE D 110 30.06 12.64 10.41
CA PHE D 110 31.00 13.46 9.66
C PHE D 110 30.98 14.89 10.19
N TRP D 111 32.16 15.48 10.34
CA TRP D 111 32.35 16.84 10.81
C TRP D 111 33.15 17.61 9.78
N GLY D 112 32.90 18.92 9.71
CA GLY D 112 33.70 19.80 8.89
C GLY D 112 35.02 20.13 9.57
N GLN D 113 35.87 20.84 8.82
CA GLN D 113 37.17 21.26 9.34
C GLN D 113 37.08 22.52 10.21
N GLY D 114 35.95 23.20 10.21
CA GLY D 114 35.69 24.26 11.17
C GLY D 114 36.10 25.63 10.66
N THR D 115 35.49 26.66 11.25
CA THR D 115 35.84 28.05 11.00
C THR D 115 36.00 28.76 12.34
N THR D 116 37.00 29.63 12.43
CA THR D 116 37.37 30.28 13.68
C THR D 116 36.71 31.65 13.77
N LEU D 117 36.08 31.91 14.90
CA LEU D 117 35.51 33.21 15.25
C LEU D 117 36.22 33.72 16.49
N THR D 118 36.65 34.98 16.45
CA THR D 118 37.34 35.64 17.56
C THR D 118 36.58 36.92 17.89
N VAL D 119 36.16 37.03 19.15
CA VAL D 119 35.52 38.24 19.67
C VAL D 119 36.54 38.93 20.55
N SER D 120 37.09 40.04 20.07
CA SER D 120 38.16 40.73 20.80
C SER D 120 37.60 41.42 22.03
N SER D 121 38.22 41.16 23.18
CA SER D 121 37.80 41.75 24.44
C SER D 121 38.44 43.12 24.63
N SER D 136 18.92 19.25 35.58
CA SER D 136 18.41 19.71 34.30
C SER D 136 19.22 19.12 33.15
N ASP D 137 20.43 19.64 32.95
CA ASP D 137 21.31 19.22 31.87
C ASP D 137 22.20 18.09 32.36
N ILE D 138 22.39 17.09 31.50
CA ILE D 138 23.21 15.94 31.86
C ILE D 138 24.68 16.37 31.85
N VAL D 139 25.39 16.04 32.91
CA VAL D 139 26.81 16.36 33.06
C VAL D 139 27.62 15.13 32.69
N MET D 140 28.55 15.29 31.76
CA MET D 140 29.47 14.23 31.35
C MET D 140 30.80 14.44 32.05
N THR D 141 31.18 13.47 32.88
CA THR D 141 32.38 13.55 33.71
C THR D 141 33.42 12.58 33.16
N GLN D 142 34.51 13.12 32.66
CA GLN D 142 35.68 12.35 32.22
C GLN D 142 36.79 12.62 33.23
N ALA D 143 36.95 11.67 34.17
CA ALA D 143 37.77 11.88 35.36
C ALA D 143 39.23 12.13 35.02
N THR D 144 39.83 11.26 34.22
CA THR D 144 41.21 11.46 33.80
C THR D 144 41.27 12.52 32.71
N SER D 145 42.38 13.24 32.68
CA SER D 145 42.60 14.35 31.73
C SER D 145 43.74 14.03 30.77
N SER D 146 44.74 13.30 31.26
CA SER D 146 45.88 12.90 30.45
C SER D 146 46.31 11.50 30.87
N VAL D 147 46.71 10.70 29.89
CA VAL D 147 47.13 9.32 30.09
C VAL D 147 48.36 9.05 29.23
N PRO D 148 49.58 8.99 29.78
CA PRO D 148 50.71 8.59 28.93
C PRO D 148 50.56 7.14 28.48
N VAL D 149 50.84 6.90 27.20
CA VAL D 149 50.63 5.60 26.57
C VAL D 149 51.87 5.23 25.76
N THR D 150 51.98 3.93 25.47
CA THR D 150 53.03 3.36 24.66
C THR D 150 52.43 2.69 23.42
N PRO D 151 53.10 2.74 22.24
CA PRO D 151 52.55 1.99 21.09
C PRO D 151 52.59 0.50 21.32
N GLY D 152 51.42 -0.14 21.17
CA GLY D 152 51.28 -1.58 21.36
C GLY D 152 50.60 -1.97 22.66
N GLU D 153 50.43 -1.04 23.58
CA GLU D 153 49.77 -1.27 24.86
C GLU D 153 48.28 -0.99 24.74
N SER D 154 47.53 -1.55 25.68
CA SER D 154 46.08 -1.38 25.74
C SER D 154 45.73 -0.22 26.66
N VAL D 155 44.68 0.53 26.29
CA VAL D 155 44.24 1.71 27.01
C VAL D 155 42.74 1.60 27.24
N SER D 156 42.27 2.28 28.29
CA SER D 156 40.85 2.26 28.66
C SER D 156 40.47 3.65 29.17
N ILE D 157 39.91 4.47 28.29
CA ILE D 157 39.38 5.78 28.65
C ILE D 157 37.98 5.58 29.22
N SER D 158 37.63 6.37 30.23
CA SER D 158 36.36 6.26 30.93
C SER D 158 35.60 7.60 30.88
N CYS D 159 34.28 7.50 30.98
CA CYS D 159 33.40 8.66 31.03
C CYS D 159 32.22 8.32 31.93
N ARG D 160 31.74 9.32 32.67
CA ARG D 160 30.63 9.18 33.60
C ARG D 160 29.51 10.13 33.19
N SER D 161 28.28 9.77 33.59
CA SER D 161 27.09 10.52 33.26
C SER D 161 26.25 10.74 34.52
N SER D 162 25.71 11.95 34.67
CA SER D 162 24.87 12.25 35.82
C SER D 162 23.59 11.42 35.78
N LYS D 163 22.93 11.38 34.63
CA LYS D 163 21.71 10.63 34.41
C LYS D 163 22.01 9.37 33.60
N SER D 164 21.20 8.34 33.83
CA SER D 164 21.35 7.10 33.07
C SER D 164 21.00 7.33 31.61
N LEU D 165 21.91 6.92 30.72
CA LEU D 165 21.69 7.05 29.28
C LEU D 165 20.95 5.86 28.68
N LEU D 166 20.67 4.81 29.47
CA LEU D 166 19.91 3.68 28.98
C LEU D 166 18.43 4.03 28.92
N HIS D 167 17.90 4.10 27.70
CA HIS D 167 16.49 4.36 27.48
C HIS D 167 15.68 3.07 27.53
N SER D 168 14.36 3.20 27.68
CA SER D 168 13.47 2.04 27.74
C SER D 168 13.42 1.25 26.44
N ASN D 169 13.83 1.83 25.31
CA ASN D 169 13.87 1.12 24.04
C ASN D 169 15.12 0.25 23.86
N GLY D 170 15.96 0.13 24.90
CA GLY D 170 17.14 -0.70 24.84
C GLY D 170 18.40 -0.01 24.37
N ASN D 171 18.31 1.23 23.89
CA ASN D 171 19.47 1.98 23.41
C ASN D 171 20.13 2.73 24.55
N THR D 172 21.46 2.80 24.51
CA THR D 172 22.26 3.61 25.42
C THR D 172 22.95 4.68 24.58
N TYR D 173 22.47 5.91 24.68
CA TYR D 173 22.86 6.98 23.76
C TYR D 173 24.14 7.65 24.26
N LEU D 174 25.27 6.98 24.02
CA LEU D 174 26.59 7.51 24.28
C LEU D 174 27.42 7.43 23.01
N TYR D 175 28.15 8.50 22.72
CA TYR D 175 28.94 8.65 21.50
C TYR D 175 30.38 9.00 21.88
N TRP D 176 31.33 8.42 21.16
CA TRP D 176 32.75 8.67 21.36
C TRP D 176 33.31 9.38 20.12
N PHE D 177 34.14 10.38 20.35
CA PHE D 177 34.82 11.12 19.30
C PHE D 177 36.29 11.24 19.62
N LEU D 178 37.12 11.25 18.58
CA LEU D 178 38.56 11.40 18.69
C LEU D 178 38.99 12.59 17.85
N GLN D 179 39.61 13.58 18.51
CA GLN D 179 40.14 14.77 17.85
C GLN D 179 41.66 14.68 17.88
N ARG D 180 42.26 14.35 16.74
CA ARG D 180 43.70 14.32 16.62
C ARG D 180 44.24 15.75 16.54
N PRO D 181 45.55 15.94 16.76
CA PRO D 181 46.10 17.31 16.72
C PRO D 181 45.93 17.96 15.35
N GLY D 182 45.30 19.13 15.35
CA GLY D 182 45.08 19.90 14.14
C GLY D 182 43.90 19.46 13.29
N GLN D 183 43.22 18.37 13.64
CA GLN D 183 42.14 17.80 12.87
C GLN D 183 40.81 18.00 13.59
N SER D 184 39.72 17.91 12.82
CA SER D 184 38.39 17.93 13.41
C SER D 184 38.07 16.56 14.03
N PRO D 185 37.17 16.47 15.02
CA PRO D 185 36.92 15.18 15.64
C PRO D 185 36.22 14.21 14.70
N GLN D 186 36.43 12.92 14.96
CA GLN D 186 35.92 11.82 14.15
C GLN D 186 35.15 10.88 15.05
N LEU D 187 33.97 10.46 14.59
CA LEU D 187 33.17 9.51 15.34
C LEU D 187 33.89 8.16 15.42
N LEU D 188 33.88 7.55 16.61
CA LEU D 188 34.43 6.22 16.84
C LEU D 188 33.34 5.21 17.17
N ILE D 189 32.57 5.47 18.22
CA ILE D 189 31.48 4.60 18.68
C ILE D 189 30.22 5.43 18.69
N TYR D 190 29.10 4.81 18.31
CA TYR D 190 27.78 5.42 18.42
C TYR D 190 26.85 4.48 19.16
N ARG D 191 26.05 5.04 20.07
CA ARG D 191 25.16 4.29 20.96
C ARG D 191 25.93 3.25 21.79
N MET D 192 27.12 3.63 22.25
CA MET D 192 27.91 3.02 23.32
C MET D 192 28.59 1.71 22.90
N SER D 193 28.24 1.10 21.76
CA SER D 193 28.82 -0.18 21.34
C SER D 193 29.12 -0.29 19.86
N ASN D 194 28.49 0.49 18.99
CA ASN D 194 28.54 0.25 17.56
C ASN D 194 29.71 0.98 16.93
N LEU D 195 30.59 0.23 16.29
CA LEU D 195 31.74 0.80 15.59
C LEU D 195 31.27 1.57 14.36
N ALA D 196 31.88 2.72 14.14
CA ALA D 196 31.56 3.56 12.98
C ALA D 196 32.29 3.05 11.74
N SER D 197 31.75 3.40 10.59
CA SER D 197 32.32 2.95 9.32
C SER D 197 33.69 3.57 9.12
N GLY D 198 34.64 2.76 8.64
CA GLY D 198 35.99 3.21 8.42
C GLY D 198 36.87 3.23 9.65
N VAL D 199 36.36 2.84 10.81
CA VAL D 199 37.12 2.82 12.06
C VAL D 199 37.74 1.43 12.21
N PRO D 200 39.04 1.31 12.61
CA PRO D 200 39.59 -0.04 12.84
C PRO D 200 38.89 -0.77 13.98
N ASP D 201 38.96 -2.10 13.96
CA ASP D 201 38.31 -2.94 14.96
C ASP D 201 38.98 -2.91 16.33
N ARG D 202 40.09 -2.18 16.49
CA ARG D 202 40.75 -2.11 17.78
C ARG D 202 39.90 -1.38 18.82
N PHE D 203 39.15 -0.36 18.41
CA PHE D 203 38.31 0.40 19.31
C PHE D 203 37.10 -0.43 19.70
N SER D 204 36.76 -0.40 20.99
CA SER D 204 35.61 -1.11 21.53
C SER D 204 34.90 -0.21 22.53
N GLY D 205 33.61 -0.46 22.70
CA GLY D 205 32.79 0.34 23.60
C GLY D 205 32.02 -0.55 24.55
N SER D 206 32.04 -0.17 25.83
CA SER D 206 31.34 -0.89 26.88
C SER D 206 30.79 0.12 27.88
N GLY D 207 29.80 -0.31 28.65
CA GLY D 207 29.20 0.55 29.65
C GLY D 207 27.84 0.02 30.07
N SER D 208 27.31 0.62 31.13
CA SER D 208 26.02 0.20 31.69
C SER D 208 25.41 1.38 32.43
N GLY D 209 24.46 2.04 31.78
CA GLY D 209 23.67 3.08 32.44
C GLY D 209 24.41 4.38 32.66
N THR D 210 25.41 4.37 33.54
CA THR D 210 26.14 5.56 33.96
C THR D 210 27.63 5.46 33.73
N ALA D 211 28.25 4.29 33.91
CA ALA D 211 29.67 4.09 33.74
C ALA D 211 29.93 3.56 32.34
N PHE D 212 30.81 4.22 31.61
CA PHE D 212 31.13 3.88 30.23
C PHE D 212 32.64 3.87 30.05
N THR D 213 33.10 3.11 29.06
CA THR D 213 34.54 3.00 28.79
C THR D 213 34.76 2.72 27.32
N LEU D 214 35.81 3.35 26.77
CA LEU D 214 36.32 3.07 25.44
C LEU D 214 37.67 2.37 25.57
N THR D 215 37.80 1.21 24.95
CA THR D 215 39.00 0.38 25.02
C THR D 215 39.71 0.40 23.68
N ILE D 216 41.02 0.59 23.72
CA ILE D 216 41.89 0.47 22.56
C ILE D 216 42.81 -0.72 22.82
N SER D 217 42.87 -1.65 21.87
CA SER D 217 43.59 -2.90 22.10
C SER D 217 45.09 -2.72 21.91
N ARG D 218 45.51 -2.35 20.71
CA ARG D 218 46.92 -2.14 20.37
C ARG D 218 47.06 -0.71 19.84
N LEU D 219 47.61 0.17 20.68
CA LEU D 219 47.72 1.58 20.31
C LEU D 219 48.66 1.75 19.13
N GLU D 220 48.28 2.68 18.25
CA GLU D 220 49.06 3.09 17.10
C GLU D 220 49.45 4.56 17.24
N ALA D 221 50.34 5.01 16.37
CA ALA D 221 50.74 6.41 16.37
C ALA D 221 49.60 7.34 15.97
N GLU D 222 48.60 6.85 15.24
CA GLU D 222 47.46 7.64 14.81
C GLU D 222 46.35 7.73 15.85
N ASP D 223 46.46 6.99 16.96
CA ASP D 223 45.49 7.06 18.04
C ASP D 223 45.80 8.17 19.04
N VAL D 224 46.73 9.06 18.73
CA VAL D 224 47.12 10.14 19.64
C VAL D 224 46.16 11.30 19.45
N GLY D 225 45.51 11.70 20.53
CA GLY D 225 44.59 12.81 20.48
C GLY D 225 43.69 12.83 21.69
N VAL D 226 42.77 13.79 21.68
CA VAL D 226 41.81 13.98 22.76
C VAL D 226 40.55 13.19 22.45
N TYR D 227 40.07 12.44 23.43
CA TYR D 227 38.88 11.60 23.31
C TYR D 227 37.74 12.23 24.10
N TYR D 228 36.60 12.44 23.45
CA TYR D 228 35.42 13.05 24.04
C TYR D 228 34.28 12.04 24.09
N CYS D 229 33.46 12.14 25.14
CA CYS D 229 32.21 11.40 25.25
C CYS D 229 31.06 12.38 25.15
N MET D 230 30.01 11.97 24.42
CA MET D 230 28.81 12.77 24.22
C MET D 230 27.57 11.92 24.46
N GLN D 231 26.56 12.53 25.07
CA GLN D 231 25.25 11.93 25.25
C GLN D 231 24.29 12.51 24.23
N HIS D 232 23.32 11.67 23.81
CA HIS D 232 22.28 12.06 22.87
C HIS D 232 20.91 11.61 23.36
N LEU D 233 20.77 11.40 24.68
CA LEU D 233 19.49 11.01 25.24
C LEU D 233 18.46 12.14 25.14
N GLU D 234 18.89 13.38 25.39
CA GLU D 234 17.98 14.51 25.38
C GLU D 234 18.77 15.78 25.13
N TYR D 235 18.11 16.75 24.51
CA TYR D 235 18.75 18.05 24.28
C TYR D 235 18.74 18.86 25.57
N PRO D 236 19.73 19.75 25.81
CA PRO D 236 20.88 20.08 24.95
C PRO D 236 21.96 19.00 25.00
N LEU D 237 22.62 18.72 23.89
CA LEU D 237 23.66 17.71 23.85
C LEU D 237 24.89 18.23 24.60
N THR D 238 25.44 17.40 25.48
CA THR D 238 26.52 17.79 26.38
C THR D 238 27.71 16.86 26.18
N PHE D 239 28.89 17.47 26.10
CA PHE D 239 30.16 16.76 26.00
C PHE D 239 30.81 16.68 27.37
N GLY D 240 31.88 15.89 27.45
CA GLY D 240 32.73 15.84 28.62
C GLY D 240 34.09 16.43 28.27
N ALA D 241 34.78 16.95 29.28
CA ALA D 241 36.13 17.46 29.06
C ALA D 241 37.05 16.31 28.67
N GLY D 242 37.49 16.32 27.42
CA GLY D 242 38.12 15.15 26.85
C GLY D 242 39.45 14.81 27.51
N THR D 243 39.78 13.51 27.42
CA THR D 243 41.01 12.97 27.99
C THR D 243 42.05 12.86 26.89
N LYS D 244 43.20 13.50 27.09
CA LYS D 244 44.28 13.47 26.13
C LYS D 244 45.07 12.18 26.27
N LEU D 245 45.58 11.69 25.14
CA LEU D 245 46.50 10.56 25.08
C LEU D 245 47.79 11.05 24.48
N GLU D 246 48.90 10.82 25.17
CA GLU D 246 50.23 11.26 24.77
C GLU D 246 51.21 10.10 24.77
N LEU D 247 52.08 10.09 23.77
CA LEU D 247 53.09 9.05 23.62
C LEU D 247 54.43 9.50 24.20
N LEU E 5 9.77 8.95 24.14
CA LEU E 5 10.70 8.78 23.04
C LEU E 5 12.07 9.35 23.41
N SER E 6 13.10 8.96 22.65
CA SER E 6 14.48 9.18 23.01
C SER E 6 15.15 10.40 22.39
N ALA E 7 14.44 11.15 21.55
CA ALA E 7 14.92 12.28 20.73
C ALA E 7 15.72 11.82 19.51
N GLU E 8 16.08 10.54 19.39
CA GLU E 8 16.47 9.94 18.12
C GLU E 8 15.24 9.27 17.52
N ASP E 9 14.39 8.71 18.40
CA ASP E 9 13.10 8.19 17.95
C ASP E 9 12.23 9.30 17.39
N LYS E 10 12.26 10.48 18.00
CA LYS E 10 11.50 11.61 17.48
C LYS E 10 11.97 12.01 16.09
N ALA E 11 13.28 12.06 15.88
CA ALA E 11 13.82 12.39 14.56
C ALA E 11 13.48 11.30 13.55
N ALA E 12 13.49 10.03 13.97
CA ALA E 12 13.08 8.94 13.09
C ALA E 12 11.62 9.06 12.70
N VAL E 13 10.76 9.43 13.65
CA VAL E 13 9.34 9.62 13.35
C VAL E 13 9.16 10.81 12.40
N GLU E 14 9.94 11.87 12.58
CA GLU E 14 9.86 13.00 11.66
C GLU E 14 10.27 12.58 10.25
N ARG E 15 11.34 11.79 10.13
CA ARG E 15 11.76 11.26 8.83
C ARG E 15 10.67 10.40 8.21
N SER E 16 10.04 9.55 9.03
CA SER E 16 8.94 8.72 8.56
C SER E 16 7.79 9.57 8.04
N LYS E 17 7.48 10.65 8.74
CA LYS E 17 6.42 11.56 8.28
C LYS E 17 6.78 12.22 6.96
N MET E 18 8.04 12.62 6.79
CA MET E 18 8.45 13.20 5.51
C MET E 18 8.34 12.17 4.39
N ILE E 19 8.72 10.92 4.67
CA ILE E 19 8.57 9.85 3.68
C ILE E 19 7.10 9.66 3.34
N GLU E 20 6.23 9.74 4.35
CA GLU E 20 4.79 9.62 4.11
C GLU E 20 4.27 10.74 3.22
N LYS E 21 4.72 11.97 3.44
CA LYS E 21 4.27 13.08 2.60
C LYS E 21 4.76 12.90 1.17
N ASN E 22 6.01 12.43 1.01
CA ASN E 22 6.50 12.16 -0.35
C ASN E 22 5.71 11.05 -1.03
N LEU E 23 5.34 10.00 -0.29
CA LEU E 23 4.51 8.94 -0.85
C LEU E 23 3.15 9.49 -1.28
N LYS E 24 2.55 10.35 -0.45
CA LYS E 24 1.26 10.93 -0.79
C LYS E 24 1.36 11.82 -2.03
N GLU E 25 2.43 12.60 -2.12
CA GLU E 25 2.61 13.46 -3.29
C GLU E 25 2.79 12.64 -4.56
N ASP E 26 3.59 11.58 -4.50
CA ASP E 26 3.78 10.72 -5.66
C ASP E 26 2.48 10.02 -6.05
N GLY E 27 1.69 9.60 -5.05
CA GLY E 27 0.40 9.00 -5.34
C GLY E 27 -0.56 9.96 -6.02
N ILE E 28 -0.60 11.19 -5.53
CA ILE E 28 -1.44 12.22 -6.16
C ILE E 28 -0.99 12.44 -7.60
N SER E 29 0.33 12.51 -7.82
CA SER E 29 0.84 12.71 -9.17
C SER E 29 0.49 11.55 -10.09
N ALA E 30 0.59 10.32 -9.59
CA ALA E 30 0.33 9.14 -10.42
C ALA E 30 -1.15 8.91 -10.67
N ALA E 31 -2.02 9.36 -9.76
CA ALA E 31 -3.45 9.07 -9.89
C ALA E 31 -4.11 9.70 -11.12
N LYS E 32 -3.54 10.67 -11.84
CA LYS E 32 -4.21 11.32 -12.97
C LYS E 32 -3.89 10.66 -14.30
N ASP E 33 -3.38 9.42 -14.28
CA ASP E 33 -2.98 8.71 -15.49
C ASP E 33 -4.07 7.72 -15.89
N VAL E 34 -4.25 7.57 -17.19
CA VAL E 34 -5.15 6.58 -17.78
C VAL E 34 -4.28 5.39 -18.18
N LYS E 35 -4.41 4.28 -17.46
CA LYS E 35 -3.67 3.06 -17.76
C LYS E 35 -4.47 2.21 -18.75
N LEU E 36 -3.84 1.85 -19.87
CA LEU E 36 -4.46 1.10 -20.94
C LEU E 36 -3.57 -0.08 -21.32
N LEU E 37 -4.21 -1.22 -21.58
CA LEU E 37 -3.54 -2.46 -21.96
C LEU E 37 -3.67 -2.64 -23.46
N LEU E 38 -2.53 -2.67 -24.16
CA LEU E 38 -2.49 -2.89 -25.60
C LEU E 38 -2.37 -4.39 -25.85
N LEU E 39 -3.19 -4.90 -26.77
CA LEU E 39 -3.24 -6.32 -27.09
C LEU E 39 -3.59 -6.50 -28.56
N GLY E 40 -3.35 -7.72 -29.04
CA GLY E 40 -3.57 -8.06 -30.43
C GLY E 40 -2.46 -8.93 -30.98
N ALA E 41 -2.68 -9.52 -32.16
CA ALA E 41 -1.67 -10.38 -32.76
C ALA E 41 -0.50 -9.53 -33.28
N ASP E 42 0.59 -10.21 -33.59
CA ASP E 42 1.77 -9.54 -34.11
C ASP E 42 1.48 -8.96 -35.49
N ASN E 43 2.08 -7.80 -35.77
CA ASN E 43 1.89 -7.09 -37.04
C ASN E 43 0.43 -6.70 -37.25
N SER E 44 -0.26 -6.36 -36.16
CA SER E 44 -1.65 -5.91 -36.19
C SER E 44 -1.80 -4.41 -36.00
N GLY E 45 -0.71 -3.65 -36.13
CA GLY E 45 -0.75 -2.22 -35.89
C GLY E 45 -0.69 -1.81 -34.44
N LYS E 46 -0.19 -2.68 -33.56
CA LYS E 46 -0.10 -2.34 -32.14
C LYS E 46 0.85 -1.17 -31.91
N SER E 47 2.05 -1.25 -32.50
CA SER E 47 3.09 -0.26 -32.20
C SER E 47 2.70 1.12 -32.74
N THR E 48 2.32 1.19 -34.01
CA THR E 48 1.95 2.46 -34.65
C THR E 48 0.43 2.61 -34.65
N ILE E 49 -0.12 2.68 -33.45
CA ILE E 49 -1.57 2.86 -33.23
C ILE E 49 -1.90 4.31 -32.90
N VAL E 50 -0.96 5.03 -32.27
CA VAL E 50 -1.04 6.47 -32.07
C VAL E 50 0.29 7.06 -32.53
N LYS E 51 0.23 8.28 -33.09
CA LYS E 51 1.44 8.92 -33.60
C LYS E 51 2.42 9.21 -32.48
N GLN E 52 1.94 9.62 -31.31
CA GLN E 52 2.79 9.95 -30.17
C GLN E 52 3.18 8.69 -29.43
N MET E 53 4.47 8.35 -29.45
CA MET E 53 5.02 7.21 -28.70
C MET E 53 6.39 7.65 -28.18
N LYS E 54 6.40 8.18 -26.95
CA LYS E 54 7.64 8.65 -26.35
C LYS E 54 8.59 7.49 -26.07
N ILE E 55 8.06 6.41 -25.50
CA ILE E 55 8.85 5.23 -25.11
C ILE E 55 8.32 3.99 -25.82
N THR E 183 13.40 -7.06 -23.23
CA THR E 183 12.19 -7.49 -23.94
C THR E 183 11.13 -7.98 -22.95
N GLY E 184 10.99 -7.25 -21.84
CA GLY E 184 10.05 -7.62 -20.79
C GLY E 184 8.68 -6.99 -20.94
N ILE E 185 8.62 -5.67 -21.01
CA ILE E 185 7.37 -4.95 -21.17
C ILE E 185 7.68 -3.57 -21.69
N VAL E 186 6.92 -3.12 -22.69
CA VAL E 186 7.08 -1.82 -23.33
C VAL E 186 5.93 -0.93 -22.89
N GLU E 187 6.27 0.29 -22.47
CA GLU E 187 5.30 1.27 -21.97
C GLU E 187 5.49 2.58 -22.71
N THR E 188 4.57 2.88 -23.63
CA THR E 188 4.50 4.17 -24.29
C THR E 188 3.51 5.06 -23.55
N HIS E 189 3.61 6.37 -23.79
CA HIS E 189 2.70 7.31 -23.17
C HIS E 189 2.55 8.55 -24.03
N PHE E 190 1.39 9.19 -23.94
CA PHE E 190 1.14 10.45 -24.62
C PHE E 190 0.11 11.22 -23.81
N THR E 191 0.08 12.55 -24.03
CA THR E 191 -0.85 13.45 -23.38
C THR E 191 -1.84 13.95 -24.43
N PHE E 192 -3.12 13.92 -24.08
CA PHE E 192 -4.19 14.35 -24.96
C PHE E 192 -5.26 15.06 -24.15
N LYS E 193 -5.42 16.36 -24.39
CA LYS E 193 -6.43 17.18 -23.71
C LYS E 193 -6.25 17.14 -22.20
N ASN E 194 -5.01 17.36 -21.76
CA ASN E 194 -4.63 17.40 -20.35
C ASN E 194 -4.87 16.07 -19.63
N LEU E 195 -4.91 14.96 -20.36
CA LEU E 195 -5.06 13.63 -19.79
C LEU E 195 -3.87 12.78 -20.22
N HIS E 196 -3.20 12.17 -19.24
CA HIS E 196 -2.00 11.38 -19.49
C HIS E 196 -2.38 9.92 -19.69
N PHE E 197 -2.05 9.39 -20.87
CA PHE E 197 -2.36 8.01 -21.25
C PHE E 197 -1.10 7.18 -21.16
N ARG E 198 -1.21 6.01 -20.54
CA ARG E 198 -0.11 5.04 -20.43
C ARG E 198 -0.56 3.74 -21.09
N LEU E 199 0.06 3.41 -22.22
CA LEU E 199 -0.24 2.20 -22.98
C LEU E 199 0.86 1.18 -22.75
N PHE E 200 0.47 0.00 -22.28
CA PHE E 200 1.40 -1.08 -21.97
C PHE E 200 1.22 -2.20 -22.99
N ASP E 201 2.28 -2.50 -23.73
CA ASP E 201 2.30 -3.58 -24.71
C ASP E 201 2.87 -4.82 -24.03
N VAL E 202 2.01 -5.80 -23.76
CA VAL E 202 2.44 -7.03 -23.10
C VAL E 202 2.94 -8.08 -24.08
N GLY E 203 2.67 -7.94 -25.37
CA GLY E 203 3.23 -8.82 -26.37
C GLY E 203 4.74 -8.72 -26.42
N GLY E 204 5.41 -9.84 -26.17
CA GLY E 204 6.86 -9.88 -26.00
C GLY E 204 7.31 -10.67 -24.80
N GLN E 205 6.45 -10.87 -23.80
CA GLN E 205 6.81 -11.71 -22.66
C GLN E 205 7.05 -13.15 -23.09
N ARG E 206 6.12 -13.71 -23.86
CA ARG E 206 6.23 -15.09 -24.35
C ARG E 206 6.29 -16.08 -23.20
N SER E 207 5.43 -15.90 -22.21
CA SER E 207 5.38 -16.73 -21.01
C SER E 207 3.91 -17.01 -20.70
N GLU E 208 3.67 -17.75 -19.62
CA GLU E 208 2.31 -18.06 -19.20
C GLU E 208 1.54 -16.79 -18.86
N ARG E 209 0.53 -16.47 -19.68
CA ARG E 209 -0.12 -15.17 -19.57
C ARG E 209 -0.92 -15.06 -18.28
N LYS E 210 -1.54 -16.15 -17.84
CA LYS E 210 -2.40 -16.13 -16.66
C LYS E 210 -1.66 -15.77 -15.38
N LYS E 211 -0.34 -15.94 -15.34
CA LYS E 211 0.43 -15.68 -14.13
C LYS E 211 0.74 -14.20 -13.89
N TRP E 212 0.58 -13.34 -14.91
CA TRP E 212 0.88 -11.92 -14.76
C TRP E 212 -0.15 -10.99 -15.39
N ILE E 213 -1.18 -11.51 -16.06
CA ILE E 213 -2.20 -10.63 -16.63
C ILE E 213 -3.02 -9.93 -15.55
N HIS E 214 -3.12 -10.52 -14.35
CA HIS E 214 -3.76 -9.87 -13.22
C HIS E 214 -3.08 -8.56 -12.80
N CYS E 215 -1.82 -8.34 -13.18
CA CYS E 215 -1.15 -7.09 -12.88
C CYS E 215 -1.87 -5.89 -13.50
N PHE E 216 -2.51 -6.07 -14.65
CA PHE E 216 -3.22 -5.01 -15.35
C PHE E 216 -4.72 -5.04 -15.06
N GLU E 217 -5.12 -5.57 -13.90
CA GLU E 217 -6.54 -5.66 -13.56
C GLU E 217 -7.21 -4.30 -13.43
N ASP E 218 -6.45 -3.25 -13.10
CA ASP E 218 -7.01 -1.93 -12.83
C ASP E 218 -6.91 -0.98 -14.03
N VAL E 219 -6.61 -1.48 -15.23
CA VAL E 219 -6.58 -0.61 -16.40
C VAL E 219 -7.97 -0.06 -16.68
N THR E 220 -8.02 1.17 -17.19
CA THR E 220 -9.30 1.77 -17.54
C THR E 220 -9.98 1.00 -18.65
N ALA E 221 -9.22 0.57 -19.67
CA ALA E 221 -9.76 -0.13 -20.81
C ALA E 221 -8.66 -0.95 -21.46
N ILE E 222 -9.07 -1.77 -22.43
CA ILE E 222 -8.18 -2.60 -23.22
C ILE E 222 -8.27 -2.14 -24.66
N ILE E 223 -7.12 -1.99 -25.31
CA ILE E 223 -7.06 -1.69 -26.74
C ILE E 223 -6.65 -2.99 -27.42
N PHE E 224 -7.56 -3.55 -28.21
CA PHE E 224 -7.35 -4.79 -28.95
C PHE E 224 -7.28 -4.46 -30.43
N CYS E 225 -6.13 -4.73 -31.05
CA CYS E 225 -5.89 -4.45 -32.45
C CYS E 225 -6.00 -5.74 -33.27
N VAL E 226 -6.65 -5.63 -34.42
CA VAL E 226 -6.87 -6.75 -35.33
C VAL E 226 -6.50 -6.31 -36.73
N ASP E 227 -5.80 -7.17 -37.46
CA ASP E 227 -5.40 -6.93 -38.84
C ASP E 227 -6.43 -7.62 -39.74
N LEU E 228 -7.28 -6.82 -40.40
CA LEU E 228 -8.24 -7.36 -41.35
C LEU E 228 -7.60 -7.95 -42.59
N SER E 229 -6.45 -7.43 -43.00
CA SER E 229 -5.82 -7.89 -44.25
C SER E 229 -5.13 -9.24 -44.00
N ASP E 230 -5.04 -9.67 -42.76
CA ASP E 230 -4.48 -11.01 -42.45
C ASP E 230 -5.68 -11.94 -42.35
N TYR E 231 -6.03 -12.66 -43.42
CA TYR E 231 -7.29 -13.45 -43.41
C TYR E 231 -7.18 -14.58 -42.45
N ASN E 242 -4.67 -15.53 -41.98
CA ASN E 242 -4.56 -16.85 -41.29
C ASN E 242 -4.50 -16.55 -39.79
N ARG E 243 -4.21 -15.30 -39.45
CA ARG E 243 -4.13 -14.86 -38.04
C ARG E 243 -5.51 -14.38 -37.56
N MET E 244 -6.55 -14.48 -38.41
CA MET E 244 -7.88 -13.94 -38.03
C MET E 244 -8.50 -14.83 -36.95
N HIS E 245 -8.26 -16.11 -37.03
CA HIS E 245 -8.78 -17.04 -36.05
C HIS E 245 -7.97 -17.07 -34.77
N GLU E 246 -6.65 -16.87 -34.85
CA GLU E 246 -5.86 -16.69 -33.64
C GLU E 246 -6.26 -15.41 -32.91
N SER E 247 -6.54 -14.34 -33.65
CA SER E 247 -7.02 -13.11 -33.04
C SER E 247 -8.38 -13.31 -32.40
N LEU E 248 -9.28 -14.02 -33.09
CA LEU E 248 -10.62 -14.26 -32.55
C LEU E 248 -10.55 -15.12 -31.30
N MET E 249 -9.71 -16.15 -31.29
CA MET E 249 -9.53 -16.97 -30.09
C MET E 249 -8.90 -16.17 -28.96
N LEU E 250 -7.92 -15.32 -29.27
CA LEU E 250 -7.31 -14.47 -28.26
C LEU E 250 -8.31 -13.46 -27.69
N PHE E 251 -9.24 -13.00 -28.54
CA PHE E 251 -10.27 -12.07 -28.06
C PHE E 251 -11.17 -12.73 -27.03
N ASP E 252 -11.51 -14.01 -27.23
CA ASP E 252 -12.34 -14.73 -26.26
C ASP E 252 -11.65 -14.81 -24.91
N SER E 253 -10.35 -15.09 -24.90
CA SER E 253 -9.63 -15.32 -23.65
C SER E 253 -9.63 -14.07 -22.78
N ILE E 254 -9.41 -12.91 -23.39
CA ILE E 254 -9.35 -11.66 -22.62
C ILE E 254 -10.76 -11.12 -22.33
N CYS E 255 -11.72 -11.33 -23.23
CA CYS E 255 -13.08 -10.86 -22.97
C CYS E 255 -13.71 -11.63 -21.81
N ASN E 256 -13.45 -12.94 -21.74
CA ASN E 256 -14.02 -13.80 -20.71
C ASN E 256 -13.05 -14.05 -19.56
N ASN E 257 -12.08 -13.15 -19.36
CA ASN E 257 -11.13 -13.29 -18.26
C ASN E 257 -11.80 -12.93 -16.95
N LYS E 258 -11.41 -13.64 -15.88
CA LYS E 258 -11.96 -13.35 -14.56
C LYS E 258 -11.56 -11.95 -14.09
N PHE E 259 -10.36 -11.50 -14.44
CA PHE E 259 -9.86 -10.20 -14.04
C PHE E 259 -10.33 -9.07 -14.94
N PHE E 260 -11.03 -9.37 -16.05
CA PHE E 260 -11.47 -8.38 -17.02
C PHE E 260 -12.93 -8.55 -17.44
N ILE E 261 -13.72 -9.31 -16.67
CA ILE E 261 -15.17 -9.41 -16.87
C ILE E 261 -15.85 -8.06 -17.07
N ASP E 262 -15.42 -7.04 -16.32
CA ASP E 262 -16.05 -5.72 -16.31
C ASP E 262 -15.22 -4.64 -16.99
N THR E 263 -14.16 -5.02 -17.72
CA THR E 263 -13.25 -4.08 -18.35
C THR E 263 -13.63 -3.87 -19.81
N SER E 264 -13.95 -2.63 -20.16
CA SER E 264 -14.31 -2.31 -21.52
C SER E 264 -13.13 -2.53 -22.45
N ILE E 265 -13.45 -2.76 -23.74
CA ILE E 265 -12.47 -3.03 -24.78
C ILE E 265 -12.68 -2.02 -25.90
N ILE E 266 -11.60 -1.38 -26.33
CA ILE E 266 -11.60 -0.51 -27.50
C ILE E 266 -11.05 -1.32 -28.65
N LEU E 267 -11.93 -1.80 -29.52
CA LEU E 267 -11.55 -2.68 -30.62
C LEU E 267 -11.15 -1.84 -31.84
N PHE E 268 -9.94 -2.10 -32.34
CA PHE E 268 -9.43 -1.46 -33.56
C PHE E 268 -9.29 -2.54 -34.62
N LEU E 269 -9.99 -2.35 -35.74
CA LEU E 269 -9.89 -3.23 -36.90
C LEU E 269 -8.99 -2.53 -37.91
N ASN E 270 -7.72 -2.89 -37.93
CA ASN E 270 -6.71 -2.15 -38.68
C ASN E 270 -6.62 -2.64 -40.12
N LYS E 271 -5.99 -1.81 -40.96
CA LYS E 271 -5.71 -2.13 -42.35
C LYS E 271 -7.01 -2.34 -43.15
N LYS E 272 -7.87 -1.32 -43.09
CA LYS E 272 -9.07 -1.34 -43.91
C LYS E 272 -8.75 -0.99 -45.36
N ASP E 273 -7.76 -0.14 -45.60
CA ASP E 273 -7.37 0.21 -46.96
C ASP E 273 -6.85 -1.01 -47.71
N LEU E 274 -6.00 -1.81 -47.06
CA LEU E 274 -5.53 -3.05 -47.65
C LEU E 274 -6.59 -4.14 -47.65
N PHE E 275 -7.66 -4.00 -46.87
CA PHE E 275 -8.74 -4.98 -46.85
C PHE E 275 -9.65 -4.85 -48.07
N GLY E 276 -9.96 -3.61 -48.46
CA GLY E 276 -10.81 -3.39 -49.62
C GLY E 276 -10.18 -3.85 -50.91
N GLU E 277 -8.88 -3.61 -51.07
CA GLU E 277 -8.16 -4.07 -52.25
C GLU E 277 -7.93 -5.58 -52.25
N LYS E 278 -7.96 -6.23 -51.09
CA LYS E 278 -7.71 -7.66 -50.96
C LYS E 278 -8.98 -8.50 -51.04
N ILE E 279 -10.13 -7.96 -50.63
CA ILE E 279 -11.36 -8.73 -50.64
C ILE E 279 -11.81 -9.11 -52.05
N LYS E 280 -11.42 -8.34 -53.06
CA LYS E 280 -11.81 -8.63 -54.44
C LYS E 280 -11.24 -9.95 -54.93
N LYS E 281 -10.10 -10.38 -54.40
CA LYS E 281 -9.43 -11.61 -54.84
C LYS E 281 -9.85 -12.82 -54.01
N SER E 282 -9.67 -12.73 -52.67
CA SER E 282 -9.95 -13.83 -51.75
C SER E 282 -11.17 -13.48 -50.90
N PRO E 283 -12.40 -13.85 -51.31
CA PRO E 283 -13.58 -13.35 -50.59
C PRO E 283 -13.93 -14.14 -49.33
N LEU E 284 -13.66 -15.45 -49.33
CA LEU E 284 -14.24 -16.38 -48.36
C LEU E 284 -13.20 -17.38 -47.88
N THR E 285 -12.01 -16.90 -47.56
CA THR E 285 -10.91 -17.75 -47.11
C THR E 285 -10.80 -17.86 -45.60
N ILE E 286 -11.71 -17.26 -44.83
CA ILE E 286 -11.62 -17.21 -43.37
C ILE E 286 -12.87 -17.81 -42.72
N CYS E 287 -14.03 -17.18 -42.92
CA CYS E 287 -15.28 -17.62 -42.29
C CYS E 287 -16.06 -18.47 -43.29
N PHE E 288 -15.52 -19.65 -43.54
CA PHE E 288 -16.05 -20.58 -44.55
C PHE E 288 -17.50 -20.98 -44.30
N PRO E 289 -17.88 -21.48 -43.10
CA PRO E 289 -19.24 -22.02 -42.96
C PRO E 289 -20.33 -20.95 -42.91
N GLU E 290 -20.08 -19.85 -42.19
CA GLU E 290 -21.18 -18.97 -41.78
C GLU E 290 -21.45 -17.87 -42.81
N TYR E 291 -20.42 -17.32 -43.44
CA TYR E 291 -20.59 -16.11 -44.24
C TYR E 291 -21.32 -16.45 -45.54
N THR E 292 -22.55 -15.96 -45.68
CA THR E 292 -23.37 -16.10 -46.89
C THR E 292 -24.01 -14.77 -47.24
N GLY E 293 -23.22 -13.69 -47.19
CA GLY E 293 -23.70 -12.34 -47.45
C GLY E 293 -22.97 -11.70 -48.63
N PRO E 294 -23.29 -10.43 -48.92
CA PRO E 294 -22.63 -9.75 -50.03
C PRO E 294 -21.15 -9.56 -49.77
N ASN E 295 -20.38 -9.51 -50.86
CA ASN E 295 -18.93 -9.38 -50.80
C ASN E 295 -18.46 -7.93 -50.93
N THR E 296 -19.26 -6.99 -50.46
CA THR E 296 -18.87 -5.59 -50.48
C THR E 296 -17.84 -5.31 -49.39
N TYR E 297 -17.14 -4.18 -49.53
CA TYR E 297 -16.17 -3.78 -48.53
C TYR E 297 -16.85 -3.50 -47.19
N GLU E 298 -18.00 -2.83 -47.24
CA GLU E 298 -18.76 -2.52 -46.03
C GLU E 298 -19.59 -3.71 -45.53
N ASP E 299 -19.68 -4.79 -46.29
CA ASP E 299 -20.48 -5.96 -45.90
C ASP E 299 -19.69 -7.00 -45.12
N ALA E 300 -18.52 -7.41 -45.63
CA ALA E 300 -17.69 -8.37 -44.91
C ALA E 300 -16.99 -7.73 -43.73
N ALA E 301 -16.60 -6.46 -43.84
CA ALA E 301 -15.99 -5.76 -42.73
C ALA E 301 -16.95 -5.65 -41.55
N ALA E 302 -18.21 -5.33 -41.82
CA ALA E 302 -19.22 -5.32 -40.77
C ALA E 302 -19.49 -6.71 -40.21
N TYR E 303 -19.32 -7.76 -41.01
CA TYR E 303 -19.48 -9.12 -40.54
C TYR E 303 -18.35 -9.54 -39.60
N ILE E 304 -17.11 -9.17 -39.92
CA ILE E 304 -15.99 -9.47 -39.04
C ILE E 304 -16.17 -8.75 -37.71
N GLN E 305 -16.70 -7.53 -37.73
CA GLN E 305 -16.94 -6.78 -36.52
C GLN E 305 -17.96 -7.49 -35.62
N ALA E 306 -19.01 -8.06 -36.23
CA ALA E 306 -20.04 -8.72 -35.45
C ALA E 306 -19.51 -9.98 -34.76
N GLN E 307 -18.56 -10.67 -35.41
CA GLN E 307 -18.00 -11.88 -34.83
C GLN E 307 -17.27 -11.59 -33.53
N PHE E 308 -16.53 -10.49 -33.47
CA PHE E 308 -15.81 -10.14 -32.26
C PHE E 308 -16.74 -9.72 -31.13
N GLU E 309 -17.76 -8.91 -31.43
CA GLU E 309 -18.71 -8.49 -30.41
C GLU E 309 -19.72 -9.57 -30.05
N SER E 310 -19.77 -10.68 -30.78
CA SER E 310 -20.55 -11.82 -30.36
C SER E 310 -20.00 -12.46 -29.09
N LYS E 311 -18.74 -12.19 -28.77
CA LYS E 311 -18.05 -12.84 -27.65
C LYS E 311 -18.19 -12.10 -26.33
N ASN E 312 -18.84 -10.93 -26.32
CA ASN E 312 -19.06 -10.18 -25.08
C ASN E 312 -20.26 -10.79 -24.35
N ARG E 313 -19.97 -11.80 -23.54
CA ARG E 313 -20.99 -12.55 -22.80
C ARG E 313 -21.18 -12.01 -21.39
N SER E 314 -21.42 -10.71 -21.25
CA SER E 314 -21.71 -10.16 -19.93
C SER E 314 -22.19 -8.71 -20.03
N PRO E 315 -22.94 -8.20 -19.06
CA PRO E 315 -23.35 -6.79 -19.07
C PRO E 315 -22.27 -5.92 -18.43
N ASN E 316 -22.50 -4.60 -18.48
CA ASN E 316 -21.63 -3.58 -17.93
C ASN E 316 -20.30 -3.45 -18.67
N LYS E 317 -20.14 -4.11 -19.82
CA LYS E 317 -18.93 -4.01 -20.64
C LYS E 317 -19.36 -3.68 -22.06
N GLU E 318 -18.78 -2.64 -22.63
CA GLU E 318 -19.00 -2.22 -24.00
C GLU E 318 -17.76 -2.48 -24.84
N ILE E 319 -17.99 -2.69 -26.13
CA ILE E 319 -16.94 -2.79 -27.13
C ILE E 319 -17.08 -1.59 -28.06
N TYR E 320 -16.04 -0.78 -28.16
CA TYR E 320 -16.02 0.42 -29.00
C TYR E 320 -15.21 0.09 -30.24
N CYS E 321 -15.90 -0.34 -31.30
CA CYS E 321 -15.25 -0.76 -32.52
C CYS E 321 -14.97 0.44 -33.41
N HIS E 322 -13.74 0.49 -33.95
CA HIS E 322 -13.32 1.56 -34.85
C HIS E 322 -12.51 0.93 -35.98
N MET E 323 -12.73 1.42 -37.20
CA MET E 323 -12.01 0.97 -38.39
C MET E 323 -10.93 1.99 -38.71
N THR E 324 -9.68 1.51 -38.81
CA THR E 324 -8.50 2.36 -38.91
C THR E 324 -7.67 1.98 -40.12
N CYS E 325 -6.99 2.99 -40.67
CA CYS E 325 -6.03 2.81 -41.75
C CYS E 325 -4.71 3.45 -41.32
N ALA E 326 -3.60 2.76 -41.59
CA ALA E 326 -2.30 3.22 -41.13
C ALA E 326 -1.80 4.46 -41.88
N THR E 327 -2.45 4.84 -42.98
CA THR E 327 -2.00 5.98 -43.78
C THR E 327 -2.08 7.28 -42.99
N ASP E 328 -3.28 7.66 -42.58
CA ASP E 328 -3.47 8.91 -41.83
C ASP E 328 -4.75 8.79 -41.03
N THR E 329 -4.63 8.92 -39.70
CA THR E 329 -5.76 8.77 -38.80
C THR E 329 -5.48 9.57 -37.53
N ASN E 330 -6.53 9.73 -36.71
CA ASN E 330 -6.44 10.39 -35.40
C ASN E 330 -7.04 9.43 -34.38
N ASN E 331 -6.19 8.53 -33.87
CA ASN E 331 -6.63 7.47 -32.97
C ASN E 331 -6.69 7.92 -31.51
N ALA E 332 -6.02 9.01 -31.15
CA ALA E 332 -6.09 9.53 -29.80
C ALA E 332 -7.47 10.03 -29.43
N GLN E 333 -8.20 10.64 -30.37
CA GLN E 333 -9.57 11.07 -30.13
C GLN E 333 -10.48 9.88 -29.86
N VAL E 334 -10.30 8.78 -30.59
CA VAL E 334 -11.14 7.60 -30.39
C VAL E 334 -10.91 7.02 -29.01
N ILE E 335 -9.65 6.92 -28.58
CA ILE E 335 -9.35 6.39 -27.24
C ILE E 335 -9.84 7.36 -26.18
N PHE E 336 -9.66 8.66 -26.40
CA PHE E 336 -10.09 9.64 -25.42
C PHE E 336 -11.62 9.64 -25.26
N ASP E 337 -12.34 9.58 -26.38
CA ASP E 337 -13.80 9.55 -26.32
C ASP E 337 -14.32 8.27 -25.65
N ALA E 338 -13.72 7.12 -25.97
CA ALA E 338 -14.15 5.87 -25.34
C ALA E 338 -13.84 5.85 -23.85
N VAL E 339 -12.67 6.39 -23.46
CA VAL E 339 -12.32 6.42 -22.04
C VAL E 339 -13.27 7.33 -21.27
N THR E 340 -13.65 8.47 -21.84
CA THR E 340 -14.61 9.36 -21.19
C THR E 340 -15.95 8.65 -21.00
N ASP E 341 -16.41 7.94 -22.02
CA ASP E 341 -17.67 7.20 -21.91
C ASP E 341 -17.58 6.12 -20.83
N ILE E 342 -16.45 5.40 -20.78
CA ILE E 342 -16.29 4.34 -19.79
C ILE E 342 -16.30 4.92 -18.38
N ILE E 343 -15.57 6.02 -18.17
CA ILE E 343 -15.49 6.63 -16.85
C ILE E 343 -16.84 7.20 -16.45
N ILE E 344 -17.59 7.78 -17.38
CA ILE E 344 -18.93 8.27 -17.07
C ILE E 344 -19.85 7.12 -16.70
N ALA E 345 -19.71 5.98 -17.39
CA ALA E 345 -20.51 4.80 -17.05
C ALA E 345 -20.20 4.30 -15.65
N ASN E 346 -18.92 4.24 -15.29
CA ASN E 346 -18.55 3.81 -13.94
C ASN E 346 -19.03 4.82 -12.90
N ASN E 347 -18.97 6.11 -13.21
CA ASN E 347 -19.44 7.14 -12.29
C ASN E 347 -20.93 7.01 -12.05
N LEU E 348 -21.72 6.78 -13.10
CA LEU E 348 -23.15 6.59 -12.94
C LEU E 348 -23.44 5.31 -12.16
N ARG E 349 -22.65 4.25 -12.40
CA ARG E 349 -22.82 3.01 -11.65
C ARG E 349 -22.57 3.23 -10.16
N GLY E 350 -21.53 4.00 -9.83
CA GLY E 350 -21.26 4.32 -8.44
C GLY E 350 -22.34 5.20 -7.82
N CYS E 351 -22.83 6.17 -8.58
CA CYS E 351 -23.89 7.05 -8.06
C CYS E 351 -25.22 6.32 -7.91
N GLY E 352 -25.41 5.21 -8.64
CA GLY E 352 -26.61 4.42 -8.56
C GLY E 352 -27.60 4.64 -9.69
N LEU E 353 -27.33 5.60 -10.58
CA LEU E 353 -28.21 5.84 -11.71
C LEU E 353 -28.20 4.68 -12.71
N TYR E 354 -27.13 3.88 -12.73
CA TYR E 354 -27.07 2.64 -13.51
C TYR E 354 -27.11 1.46 -12.55
N1 7LD F . -37.25 24.28 7.23
N3 7LD F . -44.10 23.15 13.66
C4 7LD F . -38.36 26.47 7.83
C5 7LD F . -39.41 26.97 8.61
C6 7LD F . -40.04 24.75 9.38
C7 7LD F . -38.55 22.93 8.44
C8 7LD F . -37.47 22.97 7.58
C10 7LD F . -41.51 24.00 11.20
C13 7LD F . -42.56 21.74 11.07
C15 7LD F . -39.25 21.82 9.12
C17 7LD F . -45.33 23.76 14.16
C20 7LD F . -42.46 22.65 15.42
N2 7LD F . -41.36 21.20 10.39
C12 7LD F . -41.67 19.96 9.67
C11 7LD F . -40.69 22.25 9.57
C3 7LD F . -38.99 24.26 8.61
C1 7LD F . -38.17 25.09 7.86
C2 7LD F . -40.24 26.15 9.37
C9 7LD F . -40.78 23.71 10.11
C14 7LD F . -42.26 22.95 11.95
C16 7LD F . -43.53 23.58 12.45
O1 7LD F . -44.03 24.46 11.76
C19 7LD F . -43.56 22.10 14.53
C18 7LD F . -46.55 23.07 13.60
#